data_4B8P
#
_entry.id   4B8P
#
_cell.length_a   62.425
_cell.length_b   140.967
_cell.length_c   73.167
_cell.angle_alpha   90.00
_cell.angle_beta   89.98
_cell.angle_gamma   90.00
#
_symmetry.space_group_name_H-M   'P 1 21 1'
#
loop_
_entity.id
_entity.type
_entity.pdbx_description
1 polymer 'IMPORTIN SUBUNIT ALPHA-1A'
2 polymer A89NLS
3 water water
#
loop_
_entity_poly.entity_id
_entity_poly.type
_entity_poly.pdbx_seq_one_letter_code
_entity_poly.pdbx_strand_id
1 'polypeptide(L)'
;GSGMKETAAAKFERQHMDSPDLGTDDDDKAMADIGSSLPAMIGGVYSDDNNLQLEATTQFRKLLSIERSPPIEEVIQSGV
VPRFVQFLTREDFPQLQFEAAWALTNIASGTSENTKVVIDHGAVPIFVKLLGSSSDDVREQAVWALGNVAGDSPKCRDLV
LANGALLPLLAQLNEHTKLSMLRNATWTLSNFCRGKPQPSFEQTRPALPALARLIHSNDEEVLTDACWALSYLSDGTNDK
IQAVIEAGVCPRLVELLLHPSPSVLIPALRTVGNIVTGDDAQTQCIIDHQALPCLLSLLTQNLKKSIKKEACWTISNITA
GNKDQIQAVINAGIIGPLVNLLQTAEFDIKKEAAWAISNATSGGSHDQIKYLVSEGCIKPLCDLLICPDIRIVTVCLEGL
ENILKVGETDKTLAAGDVNVFSQMIDEAEGLEKIENLQSHDNNEIYEKAVKILEAYWMDEEDDTMGATTVAAPQGATFDF
GQGGGAAQFK
;
A,B
2 'polypeptide(L)' VHKTVLGKRKYW C,D
#
# COMPACT_ATOMS: atom_id res chain seq x y z
N LEU A 38 25.19 -41.07 62.12
CA LEU A 38 25.78 -40.24 61.04
C LEU A 38 27.06 -40.83 60.43
N PRO A 39 28.04 -41.22 61.27
CA PRO A 39 29.23 -41.86 60.70
C PRO A 39 28.98 -43.25 60.11
N ALA A 40 27.84 -43.87 60.44
CA ALA A 40 27.42 -45.13 59.81
C ALA A 40 26.69 -44.86 58.49
N MET A 41 26.08 -43.67 58.42
CA MET A 41 25.38 -43.19 57.22
C MET A 41 26.34 -42.84 56.08
N ILE A 42 27.33 -42.01 56.39
CA ILE A 42 28.37 -41.64 55.46
C ILE A 42 29.07 -42.88 54.91
N GLY A 43 29.33 -43.83 55.80
CA GLY A 43 29.99 -45.08 55.46
C GLY A 43 29.26 -46.05 54.53
N GLY A 44 28.00 -46.35 54.86
CA GLY A 44 27.19 -47.23 54.04
C GLY A 44 27.00 -46.68 52.65
N VAL A 45 26.87 -45.36 52.56
CA VAL A 45 26.78 -44.63 51.30
C VAL A 45 28.03 -44.91 50.45
N TYR A 46 29.19 -44.88 51.09
CA TYR A 46 30.43 -45.11 50.39
C TYR A 46 30.79 -46.59 50.26
N SER A 47 29.96 -47.44 50.85
CA SER A 47 30.24 -48.87 50.86
C SER A 47 30.00 -49.48 49.49
N ASP A 48 30.24 -50.78 49.41
CA ASP A 48 30.03 -51.55 48.20
C ASP A 48 28.73 -52.33 48.31
N ASP A 49 28.22 -52.46 49.53
CA ASP A 49 27.01 -53.22 49.79
C ASP A 49 25.72 -52.46 49.47
N ASN A 50 24.88 -53.07 48.64
CA ASN A 50 23.63 -52.42 48.24
C ASN A 50 22.71 -52.16 49.43
N ASN A 51 22.63 -53.12 50.35
CA ASN A 51 21.83 -52.96 51.57
C ASN A 51 22.29 -51.75 52.32
N LEU A 52 23.60 -51.65 52.51
CA LEU A 52 24.18 -50.53 53.22
C LEU A 52 23.92 -49.24 52.47
N GLN A 53 24.12 -49.28 51.16
CA GLN A 53 23.92 -48.10 50.32
C GLN A 53 22.50 -47.61 50.43
N LEU A 54 21.55 -48.52 50.27
CA LEU A 54 20.14 -48.17 50.25
C LEU A 54 19.60 -47.61 51.56
N GLU A 55 19.90 -48.27 52.68
CA GLU A 55 19.46 -47.82 54.00
C GLU A 55 19.93 -46.38 54.30
N ALA A 56 21.19 -46.12 53.94
CA ALA A 56 21.85 -44.86 54.22
C ALA A 56 21.22 -43.73 53.42
N THR A 57 20.98 -43.98 52.14
CA THR A 57 20.33 -42.99 51.28
C THR A 57 18.90 -42.70 51.76
N THR A 58 18.16 -43.76 52.12
CA THR A 58 16.82 -43.62 52.67
C THR A 58 16.89 -42.78 53.93
N GLN A 59 17.91 -43.04 54.75
CA GLN A 59 18.11 -42.28 55.97
C GLN A 59 18.44 -40.82 55.69
N PHE A 60 19.33 -40.57 54.74
CA PHE A 60 19.68 -39.22 54.34
C PHE A 60 18.47 -38.51 53.80
N ARG A 61 17.74 -39.22 52.96
CA ARG A 61 16.52 -38.71 52.38
C ARG A 61 15.57 -38.29 53.46
N LYS A 62 15.34 -39.21 54.39
CA LYS A 62 14.50 -38.95 55.55
C LYS A 62 15.05 -37.75 56.33
N LEU A 63 16.38 -37.68 56.44
CA LEU A 63 17.05 -36.58 57.11
C LEU A 63 16.79 -35.26 56.41
N LEU A 64 16.78 -35.29 55.08
CA LEU A 64 16.52 -34.13 54.26
C LEU A 64 15.03 -33.89 54.02
N SER A 65 14.21 -34.90 54.31
CA SER A 65 12.77 -34.84 54.04
C SER A 65 11.95 -34.19 55.17
N ILE A 66 12.63 -33.69 56.20
CA ILE A 66 11.93 -33.04 57.32
C ILE A 66 11.37 -31.66 56.93
N GLU A 67 10.25 -31.28 57.56
CA GLU A 67 9.55 -30.05 57.19
C GLU A 67 10.18 -28.77 57.76
N ARG A 68 10.64 -28.82 59.00
CA ARG A 68 11.19 -27.61 59.63
C ARG A 68 12.71 -27.56 59.55
N SER A 69 13.20 -26.63 58.72
CA SER A 69 14.63 -26.39 58.49
C SER A 69 15.44 -27.67 58.32
N PRO A 70 15.31 -28.32 57.16
CA PRO A 70 16.07 -29.54 56.88
C PRO A 70 17.56 -29.27 56.95
N PRO A 71 18.33 -30.23 57.46
CA PRO A 71 19.78 -30.08 57.57
C PRO A 71 20.43 -30.27 56.20
N ILE A 72 20.28 -29.28 55.33
CA ILE A 72 20.77 -29.41 53.96
C ILE A 72 22.27 -29.10 53.90
N GLU A 73 22.71 -28.05 54.60
CA GLU A 73 24.14 -27.72 54.68
C GLU A 73 24.91 -28.93 55.19
N GLU A 74 24.33 -29.57 56.20
CA GLU A 74 24.97 -30.67 56.91
C GLU A 74 25.01 -32.01 56.14
N VAL A 75 24.08 -32.21 55.19
CA VAL A 75 24.11 -33.43 54.36
C VAL A 75 25.12 -33.27 53.20
N ILE A 76 25.34 -32.04 52.75
CA ILE A 76 26.36 -31.77 51.73
C ILE A 76 27.79 -31.93 52.25
N GLN A 77 28.07 -31.32 53.41
CA GLN A 77 29.41 -31.36 54.00
C GLN A 77 29.79 -32.76 54.54
N SER A 78 28.87 -33.71 54.44
CA SER A 78 29.11 -35.13 54.75
C SER A 78 29.68 -35.89 53.54
N GLY A 79 29.73 -35.21 52.39
CA GLY A 79 30.35 -35.69 51.17
C GLY A 79 29.67 -36.85 50.48
N VAL A 80 28.35 -36.93 50.60
CA VAL A 80 27.60 -38.03 49.99
C VAL A 80 26.89 -37.56 48.73
N VAL A 81 26.79 -36.24 48.58
CA VAL A 81 26.20 -35.63 47.39
C VAL A 81 26.74 -36.17 46.06
N PRO A 82 28.09 -36.23 45.90
CA PRO A 82 28.64 -36.85 44.68
C PRO A 82 28.32 -38.34 44.54
N ARG A 83 28.21 -39.02 45.68
CA ARG A 83 27.88 -40.44 45.73
C ARG A 83 26.39 -40.64 45.39
N PHE A 84 25.55 -39.69 45.82
CA PHE A 84 24.11 -39.70 45.47
C PHE A 84 23.91 -39.62 43.95
N VAL A 85 24.71 -38.78 43.31
CA VAL A 85 24.68 -38.58 41.87
C VAL A 85 25.11 -39.85 41.10
N GLN A 86 26.00 -40.64 41.71
CA GLN A 86 26.40 -41.94 41.14
C GLN A 86 25.27 -42.98 41.20
N PHE A 87 24.55 -43.00 42.32
CA PHE A 87 23.41 -43.90 42.54
C PHE A 87 22.28 -43.69 41.54
N LEU A 88 22.20 -42.48 40.99
CA LEU A 88 21.19 -42.14 39.98
C LEU A 88 21.38 -42.97 38.71
N THR A 89 22.58 -43.46 38.49
CA THR A 89 22.90 -44.18 37.27
C THR A 89 22.78 -45.71 37.42
N ARG A 90 22.42 -46.14 38.62
CA ARG A 90 22.23 -47.55 38.96
C ARG A 90 20.86 -48.03 38.51
N GLU A 91 20.74 -48.25 37.20
CA GLU A 91 19.48 -48.68 36.57
C GLU A 91 18.95 -50.03 37.08
N ASP A 92 19.86 -50.84 37.62
CA ASP A 92 19.51 -52.15 38.18
C ASP A 92 18.89 -51.99 39.56
N PHE A 93 19.06 -50.81 40.14
CA PHE A 93 18.60 -50.55 41.50
C PHE A 93 17.67 -49.34 41.50
N PRO A 94 16.46 -49.50 40.95
CA PRO A 94 15.54 -48.37 40.77
C PRO A 94 15.12 -47.75 42.09
N GLN A 95 15.13 -48.53 43.15
CA GLN A 95 14.77 -48.01 44.47
C GLN A 95 15.84 -47.05 44.98
N LEU A 96 17.10 -47.41 44.79
CA LEU A 96 18.20 -46.56 45.21
C LEU A 96 18.24 -45.30 44.37
N GLN A 97 17.97 -45.44 43.07
CA GLN A 97 17.84 -44.29 42.18
C GLN A 97 16.79 -43.33 42.73
N PHE A 98 15.60 -43.86 43.00
CA PHE A 98 14.48 -43.06 43.47
C PHE A 98 14.78 -42.34 44.76
N GLU A 99 15.33 -43.06 45.72
CA GLU A 99 15.70 -42.48 47.02
C GLU A 99 16.83 -41.44 46.85
N ALA A 100 17.81 -41.74 46.00
CA ALA A 100 18.89 -40.81 45.74
C ALA A 100 18.42 -39.52 45.06
N ALA A 101 17.45 -39.67 44.16
CA ALA A 101 16.90 -38.54 43.41
C ALA A 101 16.08 -37.66 44.32
N TRP A 102 15.48 -38.30 45.31
CA TRP A 102 14.66 -37.63 46.30
C TRP A 102 15.51 -36.79 47.27
N ALA A 103 16.61 -37.37 47.76
CA ALA A 103 17.54 -36.65 48.64
C ALA A 103 18.22 -35.52 47.89
N LEU A 104 18.54 -35.76 46.62
CA LEU A 104 19.13 -34.72 45.79
C LEU A 104 18.16 -33.59 45.56
N THR A 105 16.88 -33.94 45.35
CA THR A 105 15.82 -32.94 45.20
C THR A 105 15.68 -32.05 46.44
N ASN A 106 15.62 -32.69 47.60
CA ASN A 106 15.52 -31.97 48.86
C ASN A 106 16.74 -31.10 49.11
N ILE A 107 17.89 -31.49 48.59
CA ILE A 107 19.08 -30.66 48.72
C ILE A 107 18.95 -29.42 47.81
N ALA A 108 18.45 -29.63 46.61
CA ALA A 108 18.29 -28.55 45.63
C ALA A 108 17.12 -27.63 45.93
N SER A 109 16.36 -27.93 46.97
CA SER A 109 15.27 -27.05 47.41
C SER A 109 15.83 -26.00 48.34
N GLY A 110 17.07 -26.20 48.77
CA GLY A 110 17.71 -25.29 49.69
C GLY A 110 18.14 -23.98 49.08
N THR A 111 19.23 -23.43 49.61
CA THR A 111 19.73 -22.13 49.18
C THR A 111 20.27 -22.23 47.78
N SER A 112 20.63 -21.09 47.21
CA SER A 112 21.15 -21.03 45.87
C SER A 112 22.42 -21.85 45.75
N GLU A 113 23.18 -21.90 46.84
CA GLU A 113 24.45 -22.62 46.89
C GLU A 113 24.20 -24.10 46.90
N ASN A 114 23.23 -24.53 47.70
CA ASN A 114 22.86 -25.93 47.72
C ASN A 114 22.50 -26.42 46.33
N THR A 115 21.78 -25.57 45.60
CA THR A 115 21.41 -25.91 44.22
C THR A 115 22.65 -25.90 43.32
N LYS A 116 23.54 -24.92 43.49
CA LYS A 116 24.78 -24.84 42.69
C LYS A 116 25.75 -26.00 42.88
N VAL A 117 25.73 -26.62 44.05
CA VAL A 117 26.52 -27.82 44.33
C VAL A 117 26.03 -29.05 43.55
N VAL A 118 24.71 -29.21 43.49
CA VAL A 118 24.10 -30.31 42.75
C VAL A 118 24.38 -30.18 41.25
N ILE A 119 24.28 -28.96 40.76
CA ILE A 119 24.54 -28.68 39.36
C ILE A 119 26.01 -29.01 39.02
N ASP A 120 26.92 -28.55 39.88
CA ASP A 120 28.34 -28.74 39.71
C ASP A 120 28.80 -30.19 39.77
N HIS A 121 27.97 -31.06 40.31
CA HIS A 121 28.30 -32.47 40.35
C HIS A 121 27.72 -33.25 39.18
N GLY A 122 27.10 -32.50 38.28
CA GLY A 122 26.68 -33.01 36.98
C GLY A 122 25.34 -33.69 37.00
N ALA A 123 24.48 -33.33 37.95
CA ALA A 123 23.19 -34.01 38.09
C ALA A 123 22.16 -33.61 37.03
N VAL A 124 22.34 -32.43 36.43
CA VAL A 124 21.37 -31.93 35.47
C VAL A 124 21.10 -32.84 34.27
N PRO A 125 22.16 -33.26 33.53
CA PRO A 125 21.88 -34.18 32.41
C PRO A 125 21.40 -35.56 32.85
N ILE A 126 21.80 -35.97 34.05
CA ILE A 126 21.39 -37.25 34.57
C ILE A 126 19.91 -37.31 34.87
N PHE A 127 19.38 -36.24 35.47
CA PHE A 127 17.97 -36.15 35.78
C PHE A 127 17.12 -36.11 34.52
N VAL A 128 17.65 -35.49 33.49
CA VAL A 128 17.02 -35.41 32.18
C VAL A 128 17.00 -36.81 31.53
N LYS A 129 18.09 -37.56 31.72
CA LYS A 129 18.19 -38.93 31.23
C LYS A 129 17.23 -39.81 32.02
N LEU A 130 17.03 -39.48 33.30
CA LEU A 130 16.10 -40.20 34.17
C LEU A 130 14.64 -40.00 33.83
N LEU A 131 14.37 -39.04 32.96
CA LEU A 131 13.02 -38.80 32.48
C LEU A 131 12.62 -39.88 31.50
N GLY A 132 13.60 -40.71 31.13
CA GLY A 132 13.38 -41.82 30.24
C GLY A 132 13.43 -43.12 31.01
N SER A 133 13.40 -43.01 32.35
CA SER A 133 13.43 -44.16 33.23
C SER A 133 12.27 -45.12 32.97
N SER A 134 12.53 -46.41 33.19
CA SER A 134 11.51 -47.44 33.09
C SER A 134 10.61 -47.39 34.33
N SER A 135 11.13 -46.78 35.39
CA SER A 135 10.42 -46.66 36.65
C SER A 135 9.62 -45.36 36.67
N ASP A 136 8.38 -45.42 37.14
CA ASP A 136 7.52 -44.24 37.21
C ASP A 136 7.86 -43.31 38.38
N ASP A 137 8.33 -43.91 39.47
CA ASP A 137 8.76 -43.17 40.66
C ASP A 137 10.04 -42.36 40.39
N VAL A 138 10.92 -42.92 39.59
CA VAL A 138 12.15 -42.26 39.23
C VAL A 138 11.87 -41.08 38.27
N ARG A 139 11.00 -41.29 37.28
CA ARG A 139 10.66 -40.22 36.33
C ARG A 139 9.99 -39.04 37.03
N GLU A 140 9.06 -39.34 37.93
CA GLU A 140 8.34 -38.31 38.66
C GLU A 140 9.28 -37.50 39.53
N GLN A 141 10.29 -38.16 40.09
CA GLN A 141 11.27 -37.54 40.98
C GLN A 141 12.29 -36.69 40.20
N ALA A 142 12.70 -37.18 39.03
CA ALA A 142 13.56 -36.43 38.12
C ALA A 142 12.91 -35.11 37.69
N VAL A 143 11.60 -35.14 37.44
CA VAL A 143 10.82 -33.95 37.12
C VAL A 143 10.83 -32.94 38.28
N TRP A 144 10.55 -33.42 39.48
CA TRP A 144 10.54 -32.59 40.68
C TRP A 144 11.92 -31.99 40.92
N ALA A 145 12.96 -32.78 40.70
CA ALA A 145 14.35 -32.33 40.85
C ALA A 145 14.70 -31.21 39.88
N LEU A 146 14.36 -31.42 38.62
CA LEU A 146 14.65 -30.48 37.54
C LEU A 146 13.86 -29.20 37.73
N GLY A 147 12.69 -29.31 38.35
CA GLY A 147 11.88 -28.14 38.61
C GLY A 147 12.53 -27.29 39.68
N ASN A 148 13.14 -27.95 40.66
CA ASN A 148 13.84 -27.28 41.74
C ASN A 148 15.07 -26.55 41.26
N VAL A 149 15.86 -27.19 40.41
CA VAL A 149 17.06 -26.56 39.85
C VAL A 149 16.69 -25.36 39.02
N ALA A 150 15.72 -25.56 38.13
CA ALA A 150 15.22 -24.52 37.24
C ALA A 150 14.50 -23.38 37.99
N GLY A 151 13.97 -23.67 39.17
CA GLY A 151 13.26 -22.67 39.93
C GLY A 151 14.23 -21.76 40.63
N ASP A 152 15.49 -22.18 40.74
CA ASP A 152 16.46 -21.38 41.48
C ASP A 152 16.71 -19.99 40.87
N SER A 153 17.00 -19.91 39.57
CA SER A 153 17.24 -18.64 38.91
C SER A 153 17.16 -18.77 37.38
N PRO A 154 17.07 -17.64 36.64
CA PRO A 154 17.07 -17.72 35.17
C PRO A 154 18.30 -18.44 34.63
N LYS A 155 19.41 -18.25 35.31
CA LYS A 155 20.67 -18.88 34.98
C LYS A 155 20.52 -20.41 35.03
N CYS A 156 19.94 -20.91 36.12
CA CYS A 156 19.73 -22.33 36.31
C CYS A 156 18.64 -22.87 35.39
N ARG A 157 17.63 -22.03 35.18
CA ARG A 157 16.54 -22.38 34.28
C ARG A 157 17.09 -22.61 32.88
N ASP A 158 17.95 -21.72 32.42
CA ASP A 158 18.50 -21.80 31.06
C ASP A 158 19.46 -22.97 30.83
N LEU A 159 20.13 -23.43 31.89
CA LEU A 159 20.99 -24.61 31.84
C LEU A 159 20.19 -25.90 31.77
N VAL A 160 19.11 -25.95 32.54
CA VAL A 160 18.24 -27.11 32.52
C VAL A 160 17.60 -27.27 31.15
N LEU A 161 17.20 -26.15 30.57
CA LEU A 161 16.65 -26.12 29.21
C LEU A 161 17.70 -26.47 28.20
N ALA A 162 18.95 -26.07 28.46
CA ALA A 162 20.07 -26.34 27.56
C ALA A 162 20.48 -27.80 27.54
N ASN A 163 20.26 -28.50 28.64
CA ASN A 163 20.55 -29.93 28.73
C ASN A 163 19.40 -30.74 28.18
N GLY A 164 18.56 -30.06 27.41
CA GLY A 164 17.45 -30.67 26.71
C GLY A 164 16.44 -31.30 27.63
N ALA A 165 15.95 -30.55 28.62
CA ALA A 165 15.00 -31.13 29.55
C ALA A 165 13.57 -30.95 29.08
N LEU A 166 13.32 -30.00 28.18
CA LEU A 166 11.94 -29.68 27.84
C LEU A 166 11.30 -30.79 27.03
N LEU A 167 12.01 -31.28 26.03
CA LEU A 167 11.45 -32.31 25.17
C LEU A 167 11.17 -33.66 25.86
N PRO A 168 12.12 -34.22 26.62
CA PRO A 168 11.77 -35.45 27.33
C PRO A 168 10.70 -35.25 28.40
N LEU A 169 10.50 -34.01 28.84
CA LEU A 169 9.46 -33.68 29.81
C LEU A 169 8.06 -33.75 29.19
N LEU A 170 7.89 -33.16 28.01
CA LEU A 170 6.59 -33.11 27.34
C LEU A 170 6.11 -34.47 26.89
N ALA A 171 7.06 -35.37 26.66
CA ALA A 171 6.76 -36.76 26.26
C ALA A 171 6.19 -37.60 27.41
N GLN A 172 6.30 -37.12 28.64
CA GLN A 172 5.78 -37.82 29.80
C GLN A 172 4.32 -37.50 29.97
N LEU A 173 3.82 -36.62 29.11
CA LEU A 173 2.43 -36.20 29.22
C LEU A 173 1.57 -36.80 28.12
N ASN A 174 0.61 -37.63 28.53
CA ASN A 174 -0.37 -38.23 27.63
C ASN A 174 -1.68 -38.53 28.35
N GLU A 175 -2.53 -39.32 27.72
CA GLU A 175 -3.87 -39.61 28.22
C GLU A 175 -3.88 -40.49 29.48
N HIS A 176 -2.76 -41.12 29.76
CA HIS A 176 -2.65 -42.03 30.90
C HIS A 176 -1.76 -41.53 32.04
N THR A 177 -1.25 -40.31 31.94
CA THR A 177 -0.36 -39.76 32.95
C THR A 177 -1.10 -39.66 34.28
N LYS A 178 -0.55 -40.23 35.35
CA LYS A 178 -1.24 -40.16 36.64
C LYS A 178 -1.22 -38.73 37.21
N LEU A 179 -2.17 -38.40 38.09
CA LEU A 179 -2.31 -37.03 38.59
C LEU A 179 -1.06 -36.47 39.26
N SER A 180 -0.37 -37.31 40.02
CA SER A 180 0.82 -36.91 40.73
C SER A 180 1.89 -36.42 39.77
N MET A 181 2.00 -37.08 38.63
CA MET A 181 2.95 -36.70 37.61
C MET A 181 2.52 -35.44 36.87
N LEU A 182 1.22 -35.26 36.67
CA LEU A 182 0.68 -34.05 36.01
C LEU A 182 0.94 -32.81 36.84
N ARG A 183 0.83 -32.96 38.15
CA ARG A 183 1.08 -31.85 39.04
C ARG A 183 2.56 -31.52 39.00
N ASN A 184 3.38 -32.56 39.07
CA ASN A 184 4.84 -32.45 39.03
C ASN A 184 5.37 -31.86 37.75
N ALA A 185 4.85 -32.35 36.64
CA ALA A 185 5.29 -31.93 35.32
C ALA A 185 4.88 -30.52 35.00
N THR A 186 3.70 -30.10 35.45
CA THR A 186 3.20 -28.76 35.18
C THR A 186 3.88 -27.70 36.04
N TRP A 187 4.10 -28.04 37.30
CA TRP A 187 4.83 -27.18 38.20
C TRP A 187 6.23 -26.97 37.63
N THR A 188 6.81 -28.03 37.07
CA THR A 188 8.11 -27.93 36.45
C THR A 188 8.07 -27.08 35.18
N LEU A 189 7.08 -27.33 34.32
CA LEU A 189 6.93 -26.57 33.09
C LEU A 189 6.76 -25.07 33.35
N SER A 190 6.07 -24.72 34.43
CA SER A 190 5.85 -23.35 34.83
C SER A 190 7.16 -22.67 35.22
N ASN A 191 8.01 -23.38 35.96
CA ASN A 191 9.33 -22.89 36.35
C ASN A 191 10.35 -22.76 35.22
N PHE A 192 10.16 -23.51 34.14
CA PHE A 192 11.01 -23.44 32.95
C PHE A 192 10.71 -22.15 32.22
N CYS A 193 9.52 -21.63 32.50
CA CYS A 193 8.99 -20.43 31.84
C CYS A 193 9.13 -19.16 32.70
N ARG A 194 9.23 -19.35 34.00
CA ARG A 194 9.30 -18.30 34.98
C ARG A 194 10.59 -17.49 34.83
N GLY A 195 10.61 -16.25 35.28
CA GLY A 195 11.87 -15.56 35.44
C GLY A 195 12.17 -14.39 34.54
N LYS A 196 12.84 -13.38 35.09
CA LYS A 196 13.28 -12.21 34.35
C LYS A 196 14.82 -12.11 34.34
N PRO A 197 15.42 -12.00 33.14
CA PRO A 197 14.78 -11.93 31.83
C PRO A 197 14.12 -13.25 31.45
N GLN A 198 13.14 -13.19 30.56
CA GLN A 198 12.39 -14.34 30.12
C GLN A 198 13.26 -15.24 29.27
N PRO A 199 12.96 -16.55 29.24
CA PRO A 199 13.75 -17.43 28.37
C PRO A 199 13.42 -17.13 26.92
N SER A 200 14.22 -17.65 25.99
CA SER A 200 13.93 -17.48 24.58
C SER A 200 12.54 -18.01 24.37
N PHE A 201 11.75 -17.36 23.53
CA PHE A 201 10.45 -17.91 23.26
C PHE A 201 10.52 -19.17 22.41
N GLU A 202 11.58 -19.30 21.64
CA GLU A 202 11.80 -20.45 20.80
C GLU A 202 12.11 -21.70 21.63
N GLN A 203 12.64 -21.48 22.83
CA GLN A 203 12.95 -22.55 23.78
C GLN A 203 11.74 -23.08 24.55
N THR A 204 10.74 -22.22 24.75
CA THR A 204 9.61 -22.52 25.61
C THR A 204 8.33 -22.74 24.80
N ARG A 205 8.44 -22.51 23.50
CA ARG A 205 7.35 -22.69 22.56
C ARG A 205 6.78 -24.11 22.48
N PRO A 206 7.63 -25.15 22.47
CA PRO A 206 7.00 -26.47 22.33
C PRO A 206 6.08 -26.85 23.50
N ALA A 207 6.24 -26.18 24.63
CA ALA A 207 5.47 -26.47 25.83
C ALA A 207 4.05 -25.95 25.74
N LEU A 208 3.77 -25.19 24.68
CA LEU A 208 2.46 -24.58 24.52
C LEU A 208 1.30 -25.54 24.28
N PRO A 209 1.46 -26.56 23.38
CA PRO A 209 0.39 -27.54 23.22
C PRO A 209 0.01 -28.29 24.52
N ALA A 210 1.00 -28.62 25.33
CA ALA A 210 0.80 -29.30 26.60
C ALA A 210 0.04 -28.44 27.59
N LEU A 211 0.49 -27.21 27.77
CA LEU A 211 -0.14 -26.23 28.66
C LEU A 211 -1.57 -25.94 28.23
N ALA A 212 -1.81 -25.88 26.92
CA ALA A 212 -3.15 -25.67 26.37
C ALA A 212 -4.10 -26.83 26.71
N ARG A 213 -3.58 -28.04 26.81
CA ARG A 213 -4.42 -29.15 27.25
C ARG A 213 -4.64 -29.08 28.75
N LEU A 214 -3.56 -28.78 29.47
CA LEU A 214 -3.55 -28.83 30.91
C LEU A 214 -4.53 -27.88 31.55
N ILE A 215 -4.87 -26.77 30.88
CA ILE A 215 -5.84 -25.83 31.47
C ILE A 215 -7.27 -26.36 31.40
N HIS A 216 -7.44 -27.52 30.75
CA HIS A 216 -8.71 -28.20 30.69
C HIS A 216 -8.90 -29.21 31.84
N SER A 217 -7.86 -29.38 32.65
CA SER A 217 -7.95 -30.16 33.87
C SER A 217 -8.90 -29.46 34.84
N ASN A 218 -9.36 -30.17 35.86
CA ASN A 218 -10.18 -29.56 36.89
C ASN A 218 -9.41 -29.50 38.18
N ASP A 219 -8.22 -30.08 38.18
CA ASP A 219 -7.31 -30.02 39.32
C ASP A 219 -6.74 -28.63 39.53
N GLU A 220 -6.93 -28.10 40.74
CA GLU A 220 -6.58 -26.72 41.04
C GLU A 220 -5.09 -26.47 40.94
N GLU A 221 -4.30 -27.45 41.36
CA GLU A 221 -2.85 -27.32 41.34
C GLU A 221 -2.33 -27.29 39.93
N VAL A 222 -2.79 -28.21 39.10
CA VAL A 222 -2.41 -28.16 37.68
C VAL A 222 -2.89 -26.83 37.05
N LEU A 223 -4.14 -26.47 37.30
CA LEU A 223 -4.68 -25.25 36.75
C LEU A 223 -3.91 -24.02 37.23
N THR A 224 -3.48 -24.05 38.48
CA THR A 224 -2.68 -22.97 39.04
C THR A 224 -1.36 -22.79 38.27
N ASP A 225 -0.57 -23.86 38.19
CA ASP A 225 0.74 -23.80 37.57
C ASP A 225 0.69 -23.61 36.06
N ALA A 226 -0.34 -24.14 35.41
CA ALA A 226 -0.48 -23.99 33.97
C ALA A 226 -0.72 -22.54 33.61
N CYS A 227 -1.62 -21.89 34.34
CA CYS A 227 -1.96 -20.48 34.12
C CYS A 227 -0.82 -19.52 34.43
N TRP A 228 -0.11 -19.78 35.52
CA TRP A 228 1.15 -19.09 35.77
C TRP A 228 2.09 -19.31 34.59
N ALA A 229 2.23 -20.55 34.13
CA ALA A 229 3.08 -20.84 32.99
C ALA A 229 2.67 -20.10 31.73
N LEU A 230 1.37 -20.04 31.44
CA LEU A 230 0.85 -19.26 30.32
C LEU A 230 0.93 -17.74 30.52
N SER A 231 0.93 -17.29 31.77
CA SER A 231 1.00 -15.86 32.03
C SER A 231 2.39 -15.35 31.70
N TYR A 232 3.37 -16.26 31.71
CA TYR A 232 4.76 -15.93 31.41
C TYR A 232 4.98 -15.86 29.90
N LEU A 233 4.31 -16.75 29.16
CA LEU A 233 4.53 -16.87 27.73
C LEU A 233 3.82 -15.83 26.90
N SER A 234 2.72 -15.30 27.44
CA SER A 234 1.92 -14.25 26.79
C SER A 234 2.45 -12.86 27.13
N ASP A 235 3.39 -12.82 28.07
CA ASP A 235 4.06 -11.59 28.45
C ASP A 235 5.22 -11.30 27.49
N GLY A 236 5.03 -10.31 26.65
CA GLY A 236 6.02 -9.94 25.66
C GLY A 236 5.40 -9.33 24.43
N THR A 237 6.00 -9.55 23.29
CA THR A 237 5.55 -8.94 22.05
C THR A 237 4.27 -9.61 21.57
N ASN A 238 3.57 -8.98 20.64
CA ASN A 238 2.30 -9.55 20.17
C ASN A 238 2.40 -10.84 19.36
N ASP A 239 3.60 -11.20 18.92
CA ASP A 239 3.80 -12.45 18.19
C ASP A 239 3.93 -13.62 19.16
N LYS A 240 4.28 -13.31 20.41
CA LYS A 240 4.22 -14.28 21.51
C LYS A 240 2.76 -14.52 21.87
N ILE A 241 1.98 -13.43 21.96
CA ILE A 241 0.53 -13.50 22.20
C ILE A 241 -0.11 -14.22 21.03
N GLN A 242 0.44 -14.02 19.83
CA GLN A 242 -0.07 -14.69 18.64
C GLN A 242 0.06 -16.20 18.76
N ALA A 243 1.19 -16.65 19.30
CA ALA A 243 1.43 -18.07 19.51
C ALA A 243 0.47 -18.67 20.53
N VAL A 244 0.18 -17.89 21.56
CA VAL A 244 -0.62 -18.35 22.69
C VAL A 244 -2.10 -18.53 22.30
N ILE A 245 -2.69 -17.56 21.61
CA ILE A 245 -4.09 -17.65 21.21
C ILE A 245 -4.25 -18.64 20.08
N GLU A 246 -3.20 -18.84 19.30
CA GLU A 246 -3.25 -19.81 18.23
C GLU A 246 -3.21 -21.23 18.78
N ALA A 247 -2.79 -21.37 20.04
CA ALA A 247 -2.74 -22.67 20.69
C ALA A 247 -4.10 -23.02 21.24
N GLY A 248 -5.01 -22.06 21.22
CA GLY A 248 -6.42 -22.28 21.52
C GLY A 248 -6.87 -22.18 22.97
N VAL A 249 -6.17 -21.36 23.73
CA VAL A 249 -6.40 -21.33 25.16
C VAL A 249 -7.53 -20.39 25.57
N CYS A 250 -7.90 -19.47 24.68
CA CYS A 250 -8.82 -18.38 25.04
C CYS A 250 -10.14 -18.75 25.73
N PRO A 251 -10.90 -19.72 25.19
CA PRO A 251 -12.20 -20.03 25.80
C PRO A 251 -12.12 -20.54 27.24
N ARG A 252 -11.12 -21.38 27.48
CA ARG A 252 -10.94 -22.02 28.78
C ARG A 252 -10.41 -21.00 29.79
N LEU A 253 -9.58 -20.08 29.31
CA LEU A 253 -9.04 -19.04 30.16
C LEU A 253 -10.15 -18.13 30.71
N VAL A 254 -11.14 -17.84 29.88
CA VAL A 254 -12.23 -16.97 30.28
C VAL A 254 -13.08 -17.65 31.33
N GLU A 255 -13.19 -18.97 31.25
CA GLU A 255 -13.88 -19.77 32.26
C GLU A 255 -13.13 -19.72 33.59
N LEU A 256 -11.80 -19.65 33.54
CA LEU A 256 -11.01 -19.72 34.75
C LEU A 256 -11.05 -18.41 35.53
N LEU A 257 -11.65 -17.39 34.92
CA LEU A 257 -11.91 -16.10 35.56
C LEU A 257 -12.94 -16.28 36.65
N LEU A 258 -13.78 -17.29 36.46
CA LEU A 258 -14.88 -17.59 37.37
C LEU A 258 -14.54 -18.74 38.34
N HIS A 259 -13.29 -19.16 38.37
CA HIS A 259 -12.85 -20.22 39.28
C HIS A 259 -12.92 -19.67 40.67
N PRO A 260 -13.48 -20.46 41.60
CA PRO A 260 -13.72 -20.00 42.97
C PRO A 260 -12.41 -19.70 43.68
N SER A 261 -11.36 -20.42 43.31
CA SER A 261 -10.06 -20.27 43.95
C SER A 261 -9.28 -19.10 43.36
N PRO A 262 -8.78 -18.21 44.25
CA PRO A 262 -7.93 -17.09 43.85
C PRO A 262 -6.59 -17.57 43.31
N SER A 263 -6.21 -18.78 43.66
CA SER A 263 -4.96 -19.36 43.21
C SER A 263 -4.94 -19.63 41.72
N VAL A 264 -6.11 -19.88 41.14
CA VAL A 264 -6.26 -20.12 39.70
C VAL A 264 -6.69 -18.83 38.95
N LEU A 265 -7.64 -18.11 39.53
CA LEU A 265 -8.11 -16.82 39.00
C LEU A 265 -6.96 -15.82 38.81
N ILE A 266 -6.03 -15.75 39.75
CA ILE A 266 -4.97 -14.76 39.65
C ILE A 266 -4.06 -14.94 38.42
N PRO A 267 -3.46 -16.14 38.25
CA PRO A 267 -2.68 -16.33 37.03
C PRO A 267 -3.51 -16.34 35.75
N ALA A 268 -4.76 -16.78 35.79
CA ALA A 268 -5.62 -16.75 34.62
C ALA A 268 -5.96 -15.32 34.23
N LEU A 269 -6.26 -14.49 35.22
CA LEU A 269 -6.53 -13.07 34.96
C LEU A 269 -5.31 -12.38 34.36
N ARG A 270 -4.11 -12.70 34.87
CA ARG A 270 -2.84 -12.23 34.28
C ARG A 270 -2.67 -12.57 32.82
N THR A 271 -2.92 -13.83 32.47
CA THR A 271 -2.76 -14.28 31.10
C THR A 271 -3.74 -13.56 30.17
N VAL A 272 -4.99 -13.50 30.59
CA VAL A 272 -6.05 -12.87 29.79
C VAL A 272 -5.76 -11.41 29.62
N GLY A 273 -5.28 -10.77 30.68
CA GLY A 273 -4.87 -9.39 30.62
C GLY A 273 -3.73 -9.14 29.63
N ASN A 274 -2.77 -10.05 29.60
CA ASN A 274 -1.65 -10.00 28.66
C ASN A 274 -2.08 -10.16 27.23
N ILE A 275 -3.05 -11.02 27.02
CA ILE A 275 -3.53 -11.26 25.68
C ILE A 275 -4.18 -10.00 25.09
N VAL A 276 -4.98 -9.30 25.89
CA VAL A 276 -5.69 -8.12 25.44
C VAL A 276 -4.80 -6.84 25.34
N THR A 277 -3.52 -6.96 25.67
CA THR A 277 -2.54 -5.89 25.40
C THR A 277 -2.04 -5.95 23.95
N GLY A 278 -2.43 -7.02 23.26
CA GLY A 278 -2.12 -7.21 21.86
C GLY A 278 -3.15 -6.54 20.98
N ASP A 279 -3.11 -6.82 19.68
CA ASP A 279 -3.97 -6.12 18.73
C ASP A 279 -5.45 -6.39 18.89
N ASP A 280 -6.22 -5.79 18.00
CA ASP A 280 -7.69 -5.84 18.02
C ASP A 280 -8.18 -7.26 17.88
N ALA A 281 -7.58 -7.98 16.92
CA ALA A 281 -7.92 -9.37 16.61
C ALA A 281 -7.50 -10.33 17.70
N GLN A 282 -6.32 -10.11 18.28
CA GLN A 282 -5.86 -10.92 19.41
C GLN A 282 -6.75 -10.65 20.61
N THR A 283 -7.12 -9.38 20.82
CA THR A 283 -8.04 -8.98 21.88
C THR A 283 -9.44 -9.59 21.66
N GLN A 284 -9.80 -9.76 20.40
CA GLN A 284 -11.10 -10.29 20.04
C GLN A 284 -11.28 -11.76 20.46
N CYS A 285 -10.21 -12.55 20.41
CA CYS A 285 -10.26 -13.98 20.78
C CYS A 285 -10.75 -14.15 22.18
N ILE A 286 -10.52 -13.12 22.99
CA ILE A 286 -10.93 -13.14 24.39
C ILE A 286 -12.36 -12.64 24.50
N ILE A 287 -12.66 -11.53 23.83
CA ILE A 287 -13.98 -10.92 23.89
C ILE A 287 -15.06 -11.86 23.35
N ASP A 288 -14.66 -12.68 22.38
CA ASP A 288 -15.56 -13.63 21.75
C ASP A 288 -16.16 -14.65 22.72
N HIS A 289 -15.51 -14.87 23.86
CA HIS A 289 -15.99 -15.91 24.78
C HIS A 289 -16.52 -15.35 26.08
N GLN A 290 -17.19 -14.20 25.94
CA GLN A 290 -17.98 -13.58 26.99
C GLN A 290 -17.17 -13.21 28.24
N ALA A 291 -15.93 -12.78 28.03
CA ALA A 291 -15.06 -12.39 29.11
C ALA A 291 -15.49 -11.08 29.77
N LEU A 292 -16.13 -10.19 29.00
CA LEU A 292 -16.54 -8.91 29.58
C LEU A 292 -17.60 -9.05 30.68
N PRO A 293 -18.62 -9.89 30.46
CA PRO A 293 -19.52 -10.21 31.58
C PRO A 293 -18.84 -10.87 32.78
N CYS A 294 -17.72 -11.53 32.54
CA CYS A 294 -16.98 -12.23 33.59
C CYS A 294 -16.17 -11.26 34.42
N LEU A 295 -15.47 -10.36 33.74
CA LEU A 295 -14.69 -9.28 34.34
C LEU A 295 -15.60 -8.34 35.07
N LEU A 296 -16.80 -8.18 34.55
CA LEU A 296 -17.76 -7.37 35.24
C LEU A 296 -18.03 -7.93 36.63
N SER A 297 -18.21 -9.23 36.74
CA SER A 297 -18.50 -9.82 38.04
C SER A 297 -17.29 -9.83 38.98
N LEU A 298 -16.08 -9.67 38.45
CA LEU A 298 -14.91 -9.61 39.30
C LEU A 298 -14.82 -8.31 40.07
N LEU A 299 -15.43 -7.26 39.51
CA LEU A 299 -15.45 -5.94 40.12
C LEU A 299 -16.57 -5.80 41.14
N THR A 300 -17.62 -6.61 40.98
CA THR A 300 -18.85 -6.50 41.75
C THR A 300 -18.89 -7.36 43.02
N GLN A 301 -18.25 -8.51 42.96
CA GLN A 301 -18.18 -9.33 44.15
C GLN A 301 -17.07 -8.79 45.03
N ASN A 302 -17.15 -9.10 46.31
CA ASN A 302 -16.19 -8.58 47.26
C ASN A 302 -14.90 -9.37 47.15
N LEU A 303 -13.99 -8.88 46.30
CA LEU A 303 -12.69 -9.53 46.09
C LEU A 303 -11.58 -8.56 46.48
N LYS A 304 -10.35 -9.07 46.54
CA LYS A 304 -9.17 -8.27 46.91
C LYS A 304 -8.91 -7.11 45.94
N LYS A 305 -8.35 -6.04 46.46
CA LYS A 305 -8.01 -4.86 45.68
C LYS A 305 -7.11 -5.19 44.49
N SER A 306 -6.17 -6.12 44.70
CA SER A 306 -5.22 -6.54 43.68
C SER A 306 -5.92 -7.16 42.49
N ILE A 307 -6.98 -7.92 42.78
CA ILE A 307 -7.76 -8.56 41.73
C ILE A 307 -8.60 -7.55 40.98
N LYS A 308 -9.33 -6.71 41.70
CA LYS A 308 -10.14 -5.68 41.09
C LYS A 308 -9.30 -4.74 40.24
N LYS A 309 -8.08 -4.47 40.68
CA LYS A 309 -7.15 -3.58 39.98
C LYS A 309 -6.72 -4.18 38.63
N GLU A 310 -6.47 -5.48 38.62
CA GLU A 310 -6.07 -6.21 37.40
C GLU A 310 -7.20 -6.38 36.39
N ALA A 311 -8.44 -6.52 36.85
CA ALA A 311 -9.56 -6.64 35.94
C ALA A 311 -9.75 -5.31 35.24
N CYS A 312 -9.50 -4.21 35.95
CA CYS A 312 -9.62 -2.85 35.36
C CYS A 312 -8.53 -2.53 34.37
N TRP A 313 -7.30 -2.95 34.66
CA TRP A 313 -6.22 -2.82 33.72
C TRP A 313 -6.51 -3.64 32.46
N THR A 314 -7.05 -4.84 32.67
CA THR A 314 -7.52 -5.69 31.57
C THR A 314 -8.65 -4.99 30.81
N ILE A 315 -9.66 -4.51 31.52
CA ILE A 315 -10.74 -3.74 30.91
C ILE A 315 -10.22 -2.51 30.14
N SER A 316 -9.19 -1.85 30.66
CA SER A 316 -8.56 -0.68 30.01
C SER A 316 -7.91 -0.99 28.66
N ASN A 317 -7.39 -2.21 28.52
CA ASN A 317 -6.81 -2.66 27.24
C ASN A 317 -7.85 -3.12 26.24
N ILE A 318 -9.09 -3.21 26.66
CA ILE A 318 -10.16 -3.50 25.73
C ILE A 318 -10.81 -2.23 25.21
N THR A 319 -11.08 -1.28 26.10
CA THR A 319 -11.51 0.06 25.65
C THR A 319 -10.38 0.79 24.93
N ALA A 320 -9.17 0.26 25.05
CA ALA A 320 -8.03 0.66 24.23
C ALA A 320 -8.15 0.06 22.81
N GLY A 321 -9.26 -0.60 22.54
CA GLY A 321 -9.47 -1.26 21.26
C GLY A 321 -10.34 -0.45 20.31
N ASN A 322 -11.05 -1.14 19.41
CA ASN A 322 -11.90 -0.47 18.41
C ASN A 322 -13.28 -0.03 18.94
N LYS A 323 -14.10 0.57 18.07
CA LYS A 323 -15.41 1.07 18.48
C LYS A 323 -16.33 -0.06 18.91
N ASP A 324 -16.14 -1.23 18.33
CA ASP A 324 -16.95 -2.40 18.67
C ASP A 324 -16.51 -3.18 19.90
N GLN A 325 -15.22 -3.11 20.21
CA GLN A 325 -14.71 -3.72 21.42
C GLN A 325 -15.16 -2.85 22.58
N ILE A 326 -15.12 -1.54 22.36
CA ILE A 326 -15.66 -0.57 23.28
C ILE A 326 -17.17 -0.79 23.40
N GLN A 327 -17.81 -1.15 22.28
CA GLN A 327 -19.24 -1.42 22.30
C GLN A 327 -19.52 -2.69 23.07
N ALA A 328 -18.58 -3.64 23.00
CA ALA A 328 -18.70 -4.91 23.71
C ALA A 328 -18.65 -4.73 25.23
N VAL A 329 -17.89 -3.73 25.66
CA VAL A 329 -17.77 -3.33 27.05
C VAL A 329 -19.00 -2.57 27.52
N ILE A 330 -19.46 -1.66 26.68
CA ILE A 330 -20.67 -0.91 26.98
C ILE A 330 -21.84 -1.86 27.13
N ASN A 331 -21.93 -2.82 26.21
CA ASN A 331 -23.01 -3.80 26.21
C ASN A 331 -23.07 -4.67 27.45
N ALA A 332 -21.92 -5.02 28.00
CA ALA A 332 -21.86 -5.88 29.18
C ALA A 332 -22.33 -5.15 30.43
N GLY A 333 -22.34 -3.82 30.34
CA GLY A 333 -22.78 -2.96 31.43
C GLY A 333 -21.65 -2.60 32.38
N ILE A 334 -20.44 -2.54 31.85
CA ILE A 334 -19.25 -2.29 32.68
C ILE A 334 -19.03 -0.81 33.05
N ILE A 335 -19.47 0.09 32.17
CA ILE A 335 -19.31 1.52 32.40
C ILE A 335 -19.90 1.94 33.75
N GLY A 336 -21.15 1.57 33.98
CA GLY A 336 -21.83 1.90 35.22
C GLY A 336 -20.95 1.68 36.43
N PRO A 337 -20.59 0.42 36.67
CA PRO A 337 -19.75 0.07 37.81
C PRO A 337 -18.36 0.70 37.71
N LEU A 338 -17.86 0.86 36.49
CA LEU A 338 -16.55 1.46 36.27
C LEU A 338 -16.50 2.87 36.84
N VAL A 339 -17.49 3.69 36.50
CA VAL A 339 -17.56 5.06 36.98
C VAL A 339 -17.54 5.10 38.51
N ASN A 340 -18.34 4.23 39.13
CA ASN A 340 -18.40 4.15 40.58
C ASN A 340 -17.03 3.90 41.21
N LEU A 341 -16.26 3.01 40.62
CA LEU A 341 -14.89 2.77 41.04
C LEU A 341 -13.98 4.02 40.87
N LEU A 342 -14.07 4.68 39.72
CA LEU A 342 -13.29 5.88 39.46
C LEU A 342 -13.65 7.00 40.45
N GLN A 343 -14.84 6.93 41.02
CA GLN A 343 -15.30 7.93 41.94
C GLN A 343 -14.95 7.55 43.38
N THR A 344 -15.19 6.30 43.75
CA THR A 344 -15.16 5.94 45.17
C THR A 344 -14.22 4.81 45.59
N ALA A 345 -13.48 4.24 44.64
CA ALA A 345 -12.61 3.12 44.99
C ALA A 345 -11.24 3.56 45.48
N GLU A 346 -10.48 2.60 45.98
CA GLU A 346 -9.09 2.81 46.41
C GLU A 346 -8.25 3.29 45.22
N PHE A 347 -7.20 4.09 45.47
CA PHE A 347 -6.42 4.74 44.42
C PHE A 347 -5.70 3.79 43.45
N ASP A 348 -5.34 2.59 43.89
CA ASP A 348 -4.71 1.62 42.99
C ASP A 348 -5.69 1.13 41.93
N ILE A 349 -6.98 1.26 42.23
CA ILE A 349 -8.08 0.91 41.33
C ILE A 349 -8.54 2.09 40.47
N LYS A 350 -8.67 3.27 41.13
CA LYS A 350 -8.95 4.55 40.48
C LYS A 350 -8.01 4.82 39.31
N LYS A 351 -6.71 4.53 39.52
CA LYS A 351 -5.69 4.66 38.48
C LYS A 351 -6.03 3.90 37.19
N GLU A 352 -6.43 2.63 37.34
CA GLU A 352 -6.79 1.78 36.20
C GLU A 352 -8.18 2.04 35.59
N ALA A 353 -9.15 2.43 36.41
CA ALA A 353 -10.48 2.85 35.96
C ALA A 353 -10.44 4.12 35.12
N ALA A 354 -9.47 4.99 35.39
CA ALA A 354 -9.27 6.23 34.65
C ALA A 354 -8.79 5.95 33.26
N TRP A 355 -7.80 5.06 33.18
CA TRP A 355 -7.27 4.54 31.93
C TRP A 355 -8.32 3.85 31.08
N ALA A 356 -9.14 3.01 31.69
CA ALA A 356 -10.27 2.42 30.97
C ALA A 356 -11.20 3.49 30.40
N ILE A 357 -11.67 4.39 31.27
CA ILE A 357 -12.59 5.44 30.85
C ILE A 357 -11.94 6.35 29.82
N SER A 358 -10.71 6.79 30.07
CA SER A 358 -10.08 7.72 29.13
C SER A 358 -9.79 7.10 27.78
N ASN A 359 -9.34 5.84 27.75
CA ASN A 359 -9.06 5.14 26.50
C ASN A 359 -10.31 5.00 25.66
N ALA A 360 -11.44 4.83 26.33
CA ALA A 360 -12.72 4.70 25.65
C ALA A 360 -13.09 5.99 24.91
N THR A 361 -12.73 7.15 25.47
CA THR A 361 -13.00 8.43 24.83
C THR A 361 -12.08 8.65 23.64
N SER A 362 -10.95 7.94 23.65
CA SER A 362 -9.94 8.08 22.62
C SER A 362 -10.38 7.41 21.32
N GLY A 363 -10.89 6.18 21.43
CA GLY A 363 -11.25 5.43 20.24
C GLY A 363 -12.74 5.40 19.93
N GLY A 364 -13.54 5.94 20.84
CA GLY A 364 -14.98 5.86 20.72
C GLY A 364 -15.59 6.82 19.75
N SER A 365 -16.86 6.58 19.42
CA SER A 365 -17.64 7.44 18.54
C SER A 365 -18.24 8.57 19.34
N HIS A 366 -18.87 9.50 18.63
CA HIS A 366 -19.56 10.66 19.21
C HIS A 366 -20.63 10.20 20.21
N ASP A 367 -21.39 9.18 19.83
CA ASP A 367 -22.51 8.68 20.65
C ASP A 367 -22.06 7.86 21.85
N GLN A 368 -21.07 6.99 21.64
CA GLN A 368 -20.55 6.17 22.73
C GLN A 368 -20.01 7.09 23.81
N ILE A 369 -19.33 8.13 23.38
CA ILE A 369 -18.76 9.12 24.28
C ILE A 369 -19.86 9.84 25.09
N LYS A 370 -20.95 10.20 24.44
CA LYS A 370 -22.07 10.82 25.16
C LYS A 370 -22.69 9.84 26.17
N TYR A 371 -22.58 8.55 25.87
CA TYR A 371 -23.05 7.52 26.79
C TYR A 371 -22.14 7.45 28.03
N LEU A 372 -20.85 7.67 27.84
CA LEU A 372 -19.89 7.68 28.95
C LEU A 372 -20.18 8.85 29.86
N VAL A 373 -20.57 9.97 29.27
CA VAL A 373 -20.92 11.18 30.01
C VAL A 373 -22.28 11.06 30.68
N SER A 374 -23.22 10.44 29.99
CA SER A 374 -24.54 10.16 30.56
C SER A 374 -24.45 9.21 31.75
N GLU A 375 -23.45 8.33 31.77
CA GLU A 375 -23.20 7.47 32.92
C GLU A 375 -22.44 8.22 34.00
N GLY A 376 -22.09 9.47 33.70
CA GLY A 376 -21.57 10.40 34.69
C GLY A 376 -20.08 10.37 34.97
N CYS A 377 -19.30 10.28 33.90
CA CYS A 377 -17.86 10.15 34.00
C CYS A 377 -17.14 11.49 34.07
N ILE A 378 -17.86 12.58 33.80
CA ILE A 378 -17.21 13.88 33.84
C ILE A 378 -16.69 14.22 35.25
N LYS A 379 -17.58 14.17 36.25
CA LYS A 379 -17.18 14.46 37.64
C LYS A 379 -16.06 13.59 38.24
N PRO A 380 -16.14 12.23 38.11
CA PRO A 380 -15.02 11.39 38.55
C PRO A 380 -13.69 11.62 37.81
N LEU A 381 -13.73 12.06 36.56
CA LEU A 381 -12.50 12.39 35.85
C LEU A 381 -11.88 13.70 36.33
N CYS A 382 -12.73 14.68 36.61
CA CYS A 382 -12.31 15.98 37.11
C CYS A 382 -11.68 15.88 38.49
N ASP A 383 -12.21 15.00 39.33
CA ASP A 383 -11.75 14.87 40.72
C ASP A 383 -10.32 14.38 40.83
N LEU A 384 -9.86 13.67 39.80
CA LEU A 384 -8.52 13.08 39.81
C LEU A 384 -7.47 14.00 39.21
N LEU A 385 -7.86 15.20 38.78
CA LEU A 385 -6.92 16.18 38.22
C LEU A 385 -6.03 16.76 39.31
N ILE A 386 -6.39 16.47 40.55
CA ILE A 386 -5.58 16.86 41.70
C ILE A 386 -4.92 15.67 42.40
N CYS A 387 -4.86 14.52 41.75
CA CYS A 387 -4.16 13.38 42.35
C CYS A 387 -2.63 13.55 42.25
N PRO A 388 -1.90 12.99 43.21
CA PRO A 388 -0.43 13.15 43.25
C PRO A 388 0.29 12.39 42.14
N ASP A 389 -0.38 11.45 41.48
CA ASP A 389 0.23 10.72 40.40
C ASP A 389 0.16 11.58 39.15
N ILE A 390 1.33 11.95 38.64
CA ILE A 390 1.45 12.84 37.49
C ILE A 390 1.00 12.24 36.16
N ARG A 391 1.16 10.93 36.01
CA ARG A 391 0.71 10.25 34.81
C ARG A 391 -0.80 10.21 34.74
N ILE A 392 -1.42 10.00 35.88
CA ILE A 392 -2.87 9.90 35.91
C ILE A 392 -3.49 11.21 35.50
N VAL A 393 -2.99 12.31 36.05
CA VAL A 393 -3.50 13.63 35.74
C VAL A 393 -3.51 13.89 34.23
N THR A 394 -2.49 13.38 33.53
CA THR A 394 -2.41 13.58 32.07
C THR A 394 -3.45 12.73 31.35
N VAL A 395 -3.77 11.59 31.93
CA VAL A 395 -4.75 10.65 31.37
C VAL A 395 -6.17 11.17 31.50
N CYS A 396 -6.47 11.74 32.66
CA CYS A 396 -7.79 12.33 32.89
C CYS A 396 -7.96 13.58 32.06
N LEU A 397 -6.90 14.37 31.97
CA LEU A 397 -6.89 15.60 31.19
C LEU A 397 -7.09 15.29 29.69
N GLU A 398 -6.49 14.19 29.25
CA GLU A 398 -6.62 13.77 27.86
C GLU A 398 -8.01 13.25 27.58
N GLY A 399 -8.57 12.51 28.55
CA GLY A 399 -9.95 12.02 28.48
C GLY A 399 -10.96 13.14 28.50
N LEU A 400 -10.74 14.11 29.38
CA LEU A 400 -11.59 15.30 29.42
C LEU A 400 -11.57 16.13 28.12
N GLU A 401 -10.45 16.17 27.42
CA GLU A 401 -10.35 16.91 26.15
C GLU A 401 -11.13 16.27 24.99
N ASN A 402 -11.13 14.94 24.96
CA ASN A 402 -11.90 14.19 23.96
C ASN A 402 -13.41 14.35 24.17
N ILE A 403 -13.81 14.53 25.42
CA ILE A 403 -15.20 14.86 25.76
C ILE A 403 -15.50 16.27 25.27
N LEU A 404 -14.52 17.16 25.42
CA LEU A 404 -14.67 18.53 24.99
C LEU A 404 -14.88 18.67 23.48
N LYS A 405 -14.14 17.89 22.69
CA LYS A 405 -14.27 17.94 21.24
C LYS A 405 -15.64 17.49 20.72
N VAL A 406 -16.25 16.53 21.40
CA VAL A 406 -17.58 16.06 21.02
C VAL A 406 -18.62 17.09 21.35
N GLY A 407 -18.48 17.70 22.51
CA GLY A 407 -19.38 18.74 22.94
C GLY A 407 -19.28 19.94 22.02
N GLU A 408 -18.12 20.09 21.40
CA GLU A 408 -17.86 21.16 20.45
C GLU A 408 -18.60 20.91 19.16
N THR A 409 -18.68 19.64 18.77
CA THR A 409 -19.38 19.24 17.57
C THR A 409 -20.90 19.34 17.74
N ASP A 410 -21.37 19.08 18.96
CA ASP A 410 -22.79 19.26 19.27
C ASP A 410 -23.18 20.73 19.30
N LYS A 411 -22.24 21.59 19.67
CA LYS A 411 -22.47 23.03 19.73
C LYS A 411 -22.63 23.63 18.34
N THR A 412 -21.95 23.04 17.37
CA THR A 412 -22.03 23.49 15.98
C THR A 412 -23.31 22.92 15.31
N LEU A 413 -23.60 21.65 15.58
CA LEU A 413 -24.76 20.96 15.01
C LEU A 413 -26.07 21.56 15.52
N ALA A 414 -26.04 22.14 16.70
CA ALA A 414 -27.19 22.83 17.28
C ALA A 414 -27.10 24.34 17.08
N ALA A 415 -25.99 24.79 16.49
CA ALA A 415 -25.70 26.21 16.31
C ALA A 415 -25.81 26.98 17.62
N GLY A 416 -25.39 26.33 18.71
CA GLY A 416 -25.58 26.86 20.05
C GLY A 416 -24.59 27.92 20.47
N ASP A 417 -24.82 28.47 21.65
CA ASP A 417 -23.98 29.52 22.22
C ASP A 417 -22.85 28.95 23.09
N VAL A 418 -23.12 27.86 23.79
CA VAL A 418 -22.16 27.30 24.74
C VAL A 418 -22.00 25.77 24.56
N ASN A 419 -20.76 25.30 24.70
CA ASN A 419 -20.47 23.87 24.77
C ASN A 419 -21.06 23.31 26.06
N VAL A 420 -22.00 22.40 25.92
CA VAL A 420 -22.72 21.82 27.05
C VAL A 420 -21.78 21.11 28.01
N PHE A 421 -20.79 20.42 27.44
CA PHE A 421 -19.86 19.62 28.23
C PHE A 421 -18.89 20.46 29.04
N SER A 422 -18.59 21.66 28.55
CA SER A 422 -17.74 22.61 29.26
C SER A 422 -18.46 23.07 30.50
N GLN A 423 -19.78 23.15 30.41
CA GLN A 423 -20.57 23.58 31.54
C GLN A 423 -20.55 22.51 32.60
N MET A 424 -20.54 21.25 32.18
CA MET A 424 -20.49 20.13 33.13
C MET A 424 -19.13 20.05 33.83
N ILE A 425 -18.06 20.21 33.04
CA ILE A 425 -16.68 20.25 33.55
C ILE A 425 -16.47 21.43 34.49
N ASP A 426 -17.04 22.56 34.10
CA ASP A 426 -17.07 23.74 34.95
C ASP A 426 -17.84 23.43 36.23
N GLU A 427 -18.96 22.74 36.09
CA GLU A 427 -19.80 22.39 37.25
C GLU A 427 -19.10 21.45 38.22
N ALA A 428 -18.27 20.53 37.71
CA ALA A 428 -17.62 19.53 38.55
C ALA A 428 -16.39 20.07 39.29
N GLU A 429 -16.24 21.40 39.26
CA GLU A 429 -15.09 22.09 39.83
C GLU A 429 -13.87 21.69 39.05
N GLY A 430 -14.09 21.37 37.78
CA GLY A 430 -13.03 20.87 36.93
C GLY A 430 -12.37 22.00 36.21
N LEU A 431 -13.12 23.06 35.99
CA LEU A 431 -12.59 24.24 35.36
C LEU A 431 -11.51 24.88 36.22
N GLU A 432 -11.75 24.93 37.53
CA GLU A 432 -10.82 25.50 38.51
C GLU A 432 -9.55 24.68 38.69
N LYS A 433 -9.69 23.36 38.59
CA LYS A 433 -8.56 22.44 38.68
C LYS A 433 -7.65 22.60 37.49
N ILE A 434 -8.23 22.71 36.30
CA ILE A 434 -7.46 22.93 35.08
C ILE A 434 -6.81 24.31 35.08
N GLU A 435 -7.54 25.33 35.52
CA GLU A 435 -6.99 26.67 35.66
C GLU A 435 -5.74 26.64 36.55
N ASN A 436 -5.82 25.86 37.63
CA ASN A 436 -4.70 25.67 38.56
C ASN A 436 -3.59 24.77 38.02
N LEU A 437 -3.86 24.05 36.93
CA LEU A 437 -2.84 23.17 36.37
C LEU A 437 -1.92 23.97 35.43
N GLN A 438 -2.25 25.25 35.27
CA GLN A 438 -1.39 26.22 34.59
C GLN A 438 -0.26 26.63 35.54
N SER A 439 -0.30 26.07 36.74
CA SER A 439 0.69 26.33 37.76
C SER A 439 1.52 25.09 38.04
N HIS A 440 1.23 24.02 37.31
CA HIS A 440 1.91 22.75 37.53
C HIS A 440 3.38 22.83 37.11
N ASP A 441 4.20 22.01 37.77
CA ASP A 441 5.63 22.00 37.52
C ASP A 441 6.00 21.21 36.26
N ASN A 442 5.13 20.31 35.83
CA ASN A 442 5.40 19.45 34.68
C ASN A 442 4.95 20.07 33.37
N ASN A 443 5.79 20.00 32.35
CA ASN A 443 5.49 20.61 31.05
C ASN A 443 4.39 19.94 30.26
N GLU A 444 4.29 18.64 30.40
CA GLU A 444 3.26 17.87 29.73
C GLU A 444 1.91 18.31 30.24
N ILE A 445 1.77 18.36 31.56
CA ILE A 445 0.55 18.82 32.24
C ILE A 445 0.33 20.29 32.00
N TYR A 446 1.39 21.08 32.11
CA TYR A 446 1.32 22.51 31.86
C TYR A 446 0.74 22.81 30.48
N GLU A 447 1.40 22.30 29.44
CA GLU A 447 1.02 22.62 28.08
C GLU A 447 -0.40 22.19 27.70
N LYS A 448 -0.89 21.10 28.29
CA LYS A 448 -2.22 20.58 28.00
C LYS A 448 -3.33 21.41 28.62
N ALA A 449 -3.11 21.89 29.85
CA ALA A 449 -4.10 22.74 30.53
C ALA A 449 -4.29 24.04 29.77
N VAL A 450 -3.17 24.60 29.31
CA VAL A 450 -3.19 25.80 28.49
C VAL A 450 -3.96 25.52 27.18
N LYS A 451 -3.56 24.45 26.50
CA LYS A 451 -4.22 24.01 25.26
C LYS A 451 -5.73 23.86 25.43
N ILE A 452 -6.16 23.22 26.52
CA ILE A 452 -7.57 23.04 26.80
C ILE A 452 -8.31 24.36 27.08
N LEU A 453 -7.75 25.19 27.94
CA LEU A 453 -8.37 26.46 28.27
C LEU A 453 -8.40 27.38 27.05
N GLU A 454 -7.35 27.32 26.24
CA GLU A 454 -7.27 28.18 25.06
C GLU A 454 -8.22 27.76 23.95
N ALA A 455 -8.52 26.46 23.88
CA ALA A 455 -9.39 25.91 22.84
C ALA A 455 -10.86 25.91 23.25
N TYR A 456 -11.12 26.00 24.55
CA TYR A 456 -12.49 25.92 25.06
C TYR A 456 -12.90 26.98 26.10
N TRP A 457 -11.96 27.80 26.54
CA TRP A 457 -12.25 28.87 27.52
C TRP A 457 -11.55 30.21 27.22
N MET A 458 -11.83 30.78 26.05
CA MET A 458 -11.27 32.07 25.65
C MET A 458 -12.13 33.23 26.14
N LEU B 38 -14.99 0.34 -77.30
CA LEU B 38 -15.42 -0.11 -75.97
C LEU B 38 -16.01 -1.52 -75.96
N PRO B 39 -16.95 -1.82 -76.87
CA PRO B 39 -17.50 -3.19 -76.97
C PRO B 39 -16.53 -4.29 -77.42
N ALA B 40 -15.38 -3.95 -77.98
CA ALA B 40 -14.38 -4.98 -78.28
C ALA B 40 -13.64 -5.28 -76.98
N MET B 41 -13.62 -4.25 -76.12
CA MET B 41 -13.08 -4.36 -74.77
C MET B 41 -14.05 -5.17 -73.91
N ILE B 42 -15.28 -4.66 -73.77
CA ILE B 42 -16.36 -5.34 -73.05
C ILE B 42 -16.54 -6.75 -73.61
N GLY B 43 -16.50 -6.85 -74.94
CA GLY B 43 -16.61 -8.14 -75.60
C GLY B 43 -15.41 -9.05 -75.30
N GLY B 44 -14.21 -8.50 -75.48
CA GLY B 44 -12.99 -9.22 -75.16
C GLY B 44 -12.95 -9.55 -73.68
N VAL B 45 -13.44 -8.62 -72.85
CA VAL B 45 -13.60 -8.86 -71.40
C VAL B 45 -14.53 -10.04 -71.20
N TYR B 46 -15.63 -10.08 -71.94
CA TYR B 46 -16.58 -11.17 -71.81
C TYR B 46 -16.22 -12.34 -72.73
N SER B 47 -15.11 -12.23 -73.44
CA SER B 47 -14.70 -13.30 -74.35
C SER B 47 -14.14 -14.49 -73.58
N ASP B 48 -13.77 -15.54 -74.29
CA ASP B 48 -13.25 -16.75 -73.66
C ASP B 48 -11.73 -16.82 -73.73
N ASP B 49 -11.15 -16.15 -74.73
CA ASP B 49 -9.71 -16.24 -74.99
C ASP B 49 -8.92 -15.25 -74.11
N ASN B 50 -7.89 -15.76 -73.47
CA ASN B 50 -7.06 -14.99 -72.54
C ASN B 50 -6.39 -13.73 -73.13
N ASN B 51 -5.93 -13.82 -74.38
CA ASN B 51 -5.32 -12.67 -75.06
C ASN B 51 -6.30 -11.52 -75.13
N LEU B 52 -7.54 -11.86 -75.51
CA LEU B 52 -8.61 -10.90 -75.69
C LEU B 52 -8.97 -10.18 -74.40
N GLN B 53 -9.06 -10.96 -73.32
CA GLN B 53 -9.42 -10.44 -72.01
C GLN B 53 -8.41 -9.40 -71.53
N LEU B 54 -7.13 -9.79 -71.62
CA LEU B 54 -6.01 -8.99 -71.13
C LEU B 54 -5.90 -7.68 -71.86
N GLU B 55 -5.95 -7.79 -73.19
CA GLU B 55 -5.89 -6.65 -74.08
C GLU B 55 -7.02 -5.69 -73.69
N ALA B 56 -8.18 -6.28 -73.45
CA ALA B 56 -9.38 -5.53 -73.12
C ALA B 56 -9.30 -4.87 -71.75
N THR B 57 -8.87 -5.66 -70.75
CA THR B 57 -8.71 -5.15 -69.38
C THR B 57 -7.66 -4.06 -69.28
N THR B 58 -6.54 -4.29 -69.97
CA THR B 58 -5.43 -3.34 -70.04
C THR B 58 -5.94 -2.02 -70.52
N GLN B 59 -6.81 -2.10 -71.52
CA GLN B 59 -7.44 -0.92 -72.06
C GLN B 59 -8.31 -0.24 -71.02
N PHE B 60 -9.09 -1.03 -70.30
CA PHE B 60 -9.92 -0.53 -69.21
C PHE B 60 -9.05 0.02 -68.11
N ARG B 61 -8.02 -0.74 -67.77
CA ARG B 61 -7.09 -0.28 -66.76
C ARG B 61 -6.45 1.02 -67.16
N LYS B 62 -5.91 1.07 -68.38
CA LYS B 62 -5.29 2.28 -68.93
C LYS B 62 -6.26 3.47 -68.91
N LEU B 63 -7.53 3.18 -69.21
CA LEU B 63 -8.61 4.16 -69.22
C LEU B 63 -8.84 4.78 -67.82
N LEU B 64 -8.76 3.92 -66.81
CA LEU B 64 -8.93 4.34 -65.43
C LEU B 64 -7.63 4.89 -64.84
N SER B 65 -6.53 4.66 -65.56
CA SER B 65 -5.18 5.02 -65.14
C SER B 65 -4.92 6.53 -64.99
N ILE B 66 -5.49 7.32 -65.88
CA ILE B 66 -5.13 8.73 -66.02
C ILE B 66 -5.36 9.56 -64.77
N GLU B 67 -4.47 10.54 -64.56
CA GLU B 67 -4.50 11.38 -63.36
C GLU B 67 -5.80 12.17 -63.27
N ARG B 68 -6.27 12.65 -64.42
CA ARG B 68 -7.58 13.28 -64.47
C ARG B 68 -8.55 12.18 -64.08
N SER B 69 -9.61 12.52 -63.36
CA SER B 69 -10.42 11.48 -62.74
C SER B 69 -10.93 10.52 -63.80
N PRO B 70 -10.77 9.23 -63.52
CA PRO B 70 -11.16 8.17 -64.46
C PRO B 70 -12.66 7.99 -64.56
N PRO B 71 -13.12 7.64 -65.76
CA PRO B 71 -14.52 7.25 -65.94
C PRO B 71 -14.77 6.00 -65.12
N ILE B 72 -14.77 6.15 -63.80
CA ILE B 72 -15.12 5.06 -62.89
C ILE B 72 -16.60 4.68 -62.99
N GLU B 73 -17.46 5.68 -63.06
CA GLU B 73 -18.90 5.45 -63.10
C GLU B 73 -19.34 4.74 -64.37
N GLU B 74 -18.77 5.15 -65.50
CA GLU B 74 -19.06 4.54 -66.78
C GLU B 74 -18.58 3.09 -66.78
N VAL B 75 -17.42 2.88 -66.16
CA VAL B 75 -16.77 1.57 -66.19
C VAL B 75 -17.58 0.53 -65.43
N ILE B 76 -18.20 0.97 -64.34
CA ILE B 76 -19.03 0.08 -63.52
C ILE B 76 -20.33 -0.27 -64.23
N GLN B 77 -20.94 0.71 -64.88
CA GLN B 77 -22.18 0.50 -65.60
C GLN B 77 -22.01 -0.55 -66.68
N SER B 78 -20.78 -0.69 -67.18
CA SER B 78 -20.48 -1.68 -68.22
C SER B 78 -20.66 -3.10 -67.70
N GLY B 79 -20.68 -3.24 -66.38
CA GLY B 79 -20.86 -4.53 -65.74
C GLY B 79 -19.60 -5.37 -65.71
N VAL B 80 -18.45 -4.71 -65.60
CA VAL B 80 -17.17 -5.43 -65.61
C VAL B 80 -16.57 -5.56 -64.22
N VAL B 81 -17.06 -4.76 -63.29
CA VAL B 81 -16.68 -4.85 -61.89
C VAL B 81 -16.72 -6.28 -61.37
N PRO B 82 -17.82 -7.02 -61.60
CA PRO B 82 -17.76 -8.44 -61.23
C PRO B 82 -16.77 -9.21 -62.08
N ARG B 83 -16.59 -8.81 -63.33
CA ARG B 83 -15.70 -9.54 -64.21
C ARG B 83 -14.24 -9.24 -63.83
N PHE B 84 -13.94 -8.01 -63.44
CA PHE B 84 -12.58 -7.69 -62.97
C PHE B 84 -12.20 -8.52 -61.75
N VAL B 85 -13.15 -8.67 -60.83
CA VAL B 85 -12.96 -9.42 -59.60
C VAL B 85 -12.74 -10.90 -59.89
N GLN B 86 -13.34 -11.39 -60.97
CA GLN B 86 -13.11 -12.75 -61.43
C GLN B 86 -11.67 -12.86 -61.94
N PHE B 87 -11.20 -11.82 -62.61
CA PHE B 87 -9.85 -11.76 -63.15
C PHE B 87 -8.80 -11.83 -62.03
N LEU B 88 -9.18 -11.40 -60.83
CA LEU B 88 -8.32 -11.44 -59.67
C LEU B 88 -7.94 -12.87 -59.24
N THR B 89 -8.74 -13.84 -59.66
CA THR B 89 -8.58 -15.23 -59.21
C THR B 89 -7.79 -16.17 -60.15
N ARG B 90 -7.36 -15.63 -61.29
CA ARG B 90 -6.61 -16.38 -62.27
C ARG B 90 -5.12 -16.48 -61.93
N GLU B 91 -4.79 -17.40 -61.03
CA GLU B 91 -3.42 -17.61 -60.56
C GLU B 91 -2.43 -17.95 -61.69
N ASP B 92 -2.95 -18.49 -62.79
CA ASP B 92 -2.14 -18.84 -63.94
C ASP B 92 -1.87 -17.63 -64.81
N PHE B 93 -2.58 -16.54 -64.54
CA PHE B 93 -2.43 -15.31 -65.31
C PHE B 93 -2.13 -14.13 -64.38
N PRO B 94 -0.85 -13.95 -64.08
CA PRO B 94 -0.42 -12.86 -63.19
C PRO B 94 -0.52 -11.50 -63.87
N GLN B 95 -0.60 -11.51 -65.20
CA GLN B 95 -0.70 -10.26 -65.97
C GLN B 95 -2.11 -9.69 -65.91
N LEU B 96 -3.10 -10.53 -66.20
CA LEU B 96 -4.49 -10.10 -66.18
C LEU B 96 -4.92 -9.76 -64.77
N GLN B 97 -4.42 -10.53 -63.81
CA GLN B 97 -4.68 -10.26 -62.41
C GLN B 97 -4.25 -8.84 -62.07
N PHE B 98 -3.01 -8.52 -62.42
CA PHE B 98 -2.42 -7.22 -62.11
C PHE B 98 -3.24 -6.08 -62.68
N GLU B 99 -3.61 -6.21 -63.95
CA GLU B 99 -4.34 -5.16 -64.65
C GLU B 99 -5.70 -4.90 -64.01
N ALA B 100 -6.41 -5.98 -63.72
CA ALA B 100 -7.73 -5.92 -63.08
C ALA B 100 -7.63 -5.38 -61.65
N ALA B 101 -6.54 -5.69 -60.95
CA ALA B 101 -6.34 -5.21 -59.59
C ALA B 101 -6.05 -3.72 -59.58
N TRP B 102 -5.42 -3.23 -60.64
CA TRP B 102 -5.13 -1.81 -60.77
C TRP B 102 -6.41 -1.03 -61.10
N ALA B 103 -7.17 -1.51 -62.07
CA ALA B 103 -8.42 -0.85 -62.45
C ALA B 103 -9.40 -0.87 -61.29
N LEU B 104 -9.45 -1.97 -60.56
CA LEU B 104 -10.28 -2.07 -59.36
C LEU B 104 -9.73 -1.15 -58.28
N THR B 105 -8.41 -1.09 -58.16
CA THR B 105 -7.77 -0.15 -57.24
C THR B 105 -8.19 1.28 -57.57
N ASN B 106 -8.14 1.61 -58.85
CA ASN B 106 -8.58 2.91 -59.32
C ASN B 106 -10.07 3.15 -59.12
N ILE B 107 -10.86 2.09 -59.08
CA ILE B 107 -12.29 2.22 -58.86
C ILE B 107 -12.61 2.59 -57.40
N ALA B 108 -11.97 1.88 -56.47
CA ALA B 108 -12.24 2.07 -55.05
C ALA B 108 -11.58 3.31 -54.47
N SER B 109 -10.79 3.99 -55.29
CA SER B 109 -10.17 5.26 -54.88
C SER B 109 -11.14 6.41 -55.11
N GLY B 110 -12.23 6.12 -55.82
CA GLY B 110 -13.23 7.12 -56.10
C GLY B 110 -14.05 7.44 -54.87
N THR B 111 -15.33 7.70 -55.08
CA THR B 111 -16.22 8.04 -53.98
C THR B 111 -16.42 6.81 -53.12
N SER B 112 -17.05 7.03 -51.98
CA SER B 112 -17.30 5.97 -51.02
C SER B 112 -18.21 4.90 -51.59
N GLU B 113 -19.09 5.34 -52.48
CA GLU B 113 -20.04 4.47 -53.15
C GLU B 113 -19.34 3.60 -54.17
N ASN B 114 -18.44 4.19 -54.94
CA ASN B 114 -17.60 3.42 -55.86
C ASN B 114 -16.81 2.41 -55.07
N THR B 115 -16.33 2.85 -53.91
CA THR B 115 -15.57 1.98 -53.02
C THR B 115 -16.45 0.85 -52.53
N LYS B 116 -17.68 1.17 -52.17
CA LYS B 116 -18.62 0.14 -51.72
C LYS B 116 -18.95 -0.90 -52.80
N VAL B 117 -18.90 -0.52 -54.07
CA VAL B 117 -19.16 -1.41 -55.20
C VAL B 117 -18.11 -2.52 -55.31
N VAL B 118 -16.86 -2.17 -55.08
CA VAL B 118 -15.77 -3.12 -55.11
C VAL B 118 -15.97 -4.13 -53.98
N ILE B 119 -16.40 -3.64 -52.83
CA ILE B 119 -16.66 -4.48 -51.67
C ILE B 119 -17.81 -5.47 -51.89
N ASP B 120 -18.90 -4.99 -52.48
CA ASP B 120 -20.06 -5.82 -52.72
C ASP B 120 -19.77 -6.98 -53.65
N HIS B 121 -18.71 -6.86 -54.43
CA HIS B 121 -18.34 -7.94 -55.35
C HIS B 121 -17.27 -8.89 -54.85
N GLY B 122 -16.92 -8.75 -53.58
CA GLY B 122 -16.12 -9.72 -52.86
C GLY B 122 -14.64 -9.56 -53.02
N ALA B 123 -14.18 -8.36 -53.34
CA ALA B 123 -12.76 -8.15 -53.62
C ALA B 123 -11.89 -8.11 -52.38
N VAL B 124 -12.44 -7.74 -51.24
CA VAL B 124 -11.63 -7.57 -50.05
C VAL B 124 -10.93 -8.86 -49.62
N PRO B 125 -11.68 -9.97 -49.47
CA PRO B 125 -11.01 -11.25 -49.17
C PRO B 125 -10.08 -11.78 -50.30
N ILE B 126 -10.38 -11.42 -51.54
CA ILE B 126 -9.55 -11.78 -52.70
C ILE B 126 -8.21 -11.04 -52.73
N PHE B 127 -8.23 -9.75 -52.38
CA PHE B 127 -7.02 -8.94 -52.25
C PHE B 127 -6.11 -9.36 -51.08
N VAL B 128 -6.71 -9.87 -50.02
CA VAL B 128 -5.95 -10.36 -48.88
C VAL B 128 -5.18 -11.67 -49.26
N LYS B 129 -5.82 -12.55 -50.03
CA LYS B 129 -5.18 -13.78 -50.47
C LYS B 129 -4.06 -13.49 -51.47
N LEU B 130 -4.24 -12.44 -52.29
CA LEU B 130 -3.22 -12.01 -53.25
C LEU B 130 -1.97 -11.44 -52.61
N LEU B 131 -2.03 -11.17 -51.31
CA LEU B 131 -0.87 -10.64 -50.61
C LEU B 131 0.15 -11.75 -50.48
N GLY B 132 -0.29 -12.96 -50.83
CA GLY B 132 0.60 -14.10 -50.85
C GLY B 132 0.96 -14.51 -52.26
N SER B 133 0.61 -13.68 -53.25
CA SER B 133 0.88 -13.96 -54.66
C SER B 133 2.35 -14.24 -54.98
N SER B 134 2.56 -15.04 -56.02
CA SER B 134 3.88 -15.38 -56.53
C SER B 134 4.46 -14.25 -57.36
N SER B 135 3.59 -13.36 -57.82
CA SER B 135 4.00 -12.17 -58.56
C SER B 135 4.21 -11.01 -57.60
N ASP B 136 5.30 -10.27 -57.77
CA ASP B 136 5.53 -9.09 -56.92
C ASP B 136 4.68 -7.92 -57.36
N ASP B 137 4.40 -7.87 -58.66
CA ASP B 137 3.57 -6.81 -59.26
C ASP B 137 2.15 -6.87 -58.74
N VAL B 138 1.67 -8.08 -58.54
CA VAL B 138 0.34 -8.35 -58.03
C VAL B 138 0.22 -8.04 -56.52
N ARG B 139 1.20 -8.46 -55.74
CA ARG B 139 1.18 -8.23 -54.29
C ARG B 139 1.22 -6.74 -53.94
N GLU B 140 2.05 -6.00 -54.65
CA GLU B 140 2.21 -4.56 -54.42
C GLU B 140 0.90 -3.86 -54.75
N GLN B 141 0.20 -4.33 -55.78
CA GLN B 141 -1.09 -3.78 -56.21
C GLN B 141 -2.21 -4.12 -55.23
N ALA B 142 -2.21 -5.36 -54.72
CA ALA B 142 -3.17 -5.77 -53.70
C ALA B 142 -3.04 -4.91 -52.45
N VAL B 143 -1.81 -4.59 -52.07
CA VAL B 143 -1.56 -3.73 -50.91
C VAL B 143 -2.19 -2.35 -51.12
N TRP B 144 -1.92 -1.72 -52.26
CA TRP B 144 -2.50 -0.40 -52.53
C TRP B 144 -4.01 -0.47 -52.55
N ALA B 145 -4.52 -1.55 -53.11
CA ALA B 145 -5.96 -1.76 -53.22
C ALA B 145 -6.58 -1.80 -51.84
N LEU B 146 -5.93 -2.55 -50.96
CA LEU B 146 -6.42 -2.74 -49.60
C LEU B 146 -6.36 -1.44 -48.80
N GLY B 147 -5.37 -0.61 -49.09
CA GLY B 147 -5.21 0.69 -48.44
C GLY B 147 -6.23 1.72 -48.87
N ASN B 148 -6.60 1.68 -50.14
CA ASN B 148 -7.64 2.53 -50.70
C ASN B 148 -9.01 2.22 -50.12
N VAL B 149 -9.34 0.93 -50.06
CA VAL B 149 -10.63 0.48 -49.53
C VAL B 149 -10.72 0.88 -48.08
N ALA B 150 -9.64 0.63 -47.35
CA ALA B 150 -9.51 0.93 -45.91
C ALA B 150 -9.52 2.43 -45.62
N GLY B 151 -9.12 3.23 -46.61
CA GLY B 151 -9.07 4.67 -46.46
C GLY B 151 -10.41 5.36 -46.57
N ASP B 152 -11.42 4.63 -47.04
CA ASP B 152 -12.75 5.20 -47.26
C ASP B 152 -13.47 5.67 -45.98
N SER B 153 -13.52 4.83 -44.95
CA SER B 153 -14.20 5.14 -43.70
C SER B 153 -13.73 4.21 -42.60
N PRO B 154 -14.06 4.53 -41.33
CA PRO B 154 -13.76 3.57 -40.26
C PRO B 154 -14.45 2.21 -40.47
N LYS B 155 -15.63 2.22 -41.06
CA LYS B 155 -16.33 0.99 -41.39
C LYS B 155 -15.52 0.13 -42.35
N CYS B 156 -15.09 0.74 -43.45
CA CYS B 156 -14.34 0.07 -44.50
C CYS B 156 -12.97 -0.32 -44.01
N ARG B 157 -12.44 0.47 -43.10
CA ARG B 157 -11.16 0.16 -42.49
C ARG B 157 -11.29 -1.10 -41.67
N ASP B 158 -12.37 -1.19 -40.92
CA ASP B 158 -12.60 -2.32 -40.04
C ASP B 158 -12.96 -3.60 -40.81
N LEU B 159 -13.56 -3.43 -41.98
CA LEU B 159 -13.87 -4.56 -42.84
C LEU B 159 -12.63 -5.14 -43.40
N VAL B 160 -11.69 -4.29 -43.79
CA VAL B 160 -10.41 -4.76 -44.28
C VAL B 160 -9.66 -5.49 -43.17
N LEU B 161 -9.73 -4.99 -41.95
CA LEU B 161 -9.11 -5.65 -40.79
C LEU B 161 -9.77 -6.99 -40.44
N ALA B 162 -11.08 -7.08 -40.64
CA ALA B 162 -11.85 -8.30 -40.37
C ALA B 162 -11.50 -9.43 -41.32
N ASN B 163 -11.02 -9.05 -42.50
CA ASN B 163 -10.55 -10.00 -43.49
C ASN B 163 -9.09 -10.37 -43.32
N GLY B 164 -8.56 -10.10 -42.14
CA GLY B 164 -7.23 -10.52 -41.73
C GLY B 164 -6.13 -9.99 -42.62
N ALA B 165 -6.13 -8.68 -42.86
CA ALA B 165 -5.20 -8.07 -43.81
C ALA B 165 -3.89 -7.63 -43.19
N LEU B 166 -3.85 -7.49 -41.87
CA LEU B 166 -2.67 -6.89 -41.23
C LEU B 166 -1.41 -7.74 -41.30
N LEU B 167 -1.55 -9.02 -40.97
CA LEU B 167 -0.41 -9.96 -40.94
C LEU B 167 0.16 -10.37 -42.30
N PRO B 168 -0.69 -10.76 -43.26
CA PRO B 168 -0.10 -11.08 -44.56
C PRO B 168 0.54 -9.87 -45.22
N LEU B 169 0.13 -8.68 -44.84
CA LEU B 169 0.78 -7.47 -45.31
C LEU B 169 2.17 -7.38 -44.74
N LEU B 170 2.29 -7.59 -43.42
CA LEU B 170 3.55 -7.44 -42.71
C LEU B 170 4.53 -8.49 -43.18
N ALA B 171 4.00 -9.61 -43.68
CA ALA B 171 4.81 -10.69 -44.25
C ALA B 171 5.46 -10.30 -45.59
N GLN B 172 5.03 -9.17 -46.16
CA GLN B 172 5.63 -8.65 -47.38
C GLN B 172 6.80 -7.77 -47.02
N LEU B 173 7.00 -7.60 -45.72
CA LEU B 173 8.03 -6.70 -45.23
C LEU B 173 9.25 -7.43 -44.65
N ASN B 174 10.41 -7.22 -45.28
CA ASN B 174 11.69 -7.73 -44.81
C ASN B 174 12.83 -6.81 -45.24
N GLU B 175 14.06 -7.30 -45.14
CA GLU B 175 15.26 -6.52 -45.45
C GLU B 175 15.50 -6.32 -46.95
N HIS B 176 14.80 -7.11 -47.75
CA HIS B 176 14.98 -7.11 -49.19
C HIS B 176 13.82 -6.48 -49.93
N THR B 177 12.86 -5.95 -49.19
CA THR B 177 11.70 -5.32 -49.78
C THR B 177 12.17 -4.12 -50.59
N LYS B 178 11.80 -4.08 -51.86
CA LYS B 178 12.20 -2.95 -52.70
C LYS B 178 11.43 -1.71 -52.23
N LEU B 179 11.98 -0.53 -52.49
CA LEU B 179 11.40 0.70 -51.95
C LEU B 179 9.96 0.95 -52.34
N SER B 180 9.61 0.61 -53.58
CA SER B 180 8.25 0.84 -54.08
C SER B 180 7.22 0.15 -53.19
N MET B 181 7.53 -1.07 -52.76
CA MET B 181 6.66 -1.83 -51.88
C MET B 181 6.66 -1.24 -50.48
N LEU B 182 7.80 -0.68 -50.06
CA LEU B 182 7.93 -0.04 -48.72
C LEU B 182 7.01 1.15 -48.58
N ARG B 183 6.84 1.88 -49.67
CA ARG B 183 5.98 3.04 -49.71
C ARG B 183 4.49 2.69 -49.66
N ASN B 184 4.08 1.72 -50.47
CA ASN B 184 2.68 1.26 -50.50
C ASN B 184 2.26 0.69 -49.19
N ALA B 185 3.10 -0.19 -48.65
CA ALA B 185 2.78 -0.93 -47.44
C ALA B 185 2.68 -0.03 -46.25
N THR B 186 3.48 1.04 -46.24
CA THR B 186 3.47 2.00 -45.13
C THR B 186 2.28 2.93 -45.23
N TRP B 187 1.96 3.38 -46.44
CA TRP B 187 0.76 4.17 -46.66
C TRP B 187 -0.52 3.37 -46.31
N THR B 188 -0.51 2.09 -46.68
CA THR B 188 -1.61 1.16 -46.40
C THR B 188 -1.72 0.90 -44.91
N LEU B 189 -0.57 0.74 -44.26
CA LEU B 189 -0.49 0.59 -42.81
C LEU B 189 -1.05 1.81 -42.14
N SER B 190 -0.82 2.96 -42.76
CA SER B 190 -1.29 4.25 -42.27
C SER B 190 -2.82 4.29 -42.24
N ASN B 191 -3.44 3.81 -43.30
CA ASN B 191 -4.88 3.75 -43.37
C ASN B 191 -5.51 2.74 -42.42
N PHE B 192 -4.75 1.73 -42.04
CA PHE B 192 -5.25 0.71 -41.14
C PHE B 192 -5.39 1.32 -39.77
N CYS B 193 -4.65 2.39 -39.54
CA CYS B 193 -4.62 3.06 -38.23
C CYS B 193 -5.47 4.33 -38.20
N ARG B 194 -5.64 4.92 -39.37
CA ARG B 194 -6.31 6.20 -39.53
C ARG B 194 -7.76 6.03 -39.13
N GLY B 195 -8.38 7.13 -38.71
CA GLY B 195 -9.81 7.18 -38.56
C GLY B 195 -10.30 7.33 -37.13
N LYS B 196 -11.38 8.10 -37.00
CA LYS B 196 -12.12 8.24 -35.75
C LYS B 196 -13.54 7.71 -35.94
N PRO B 197 -13.98 6.78 -35.08
CA PRO B 197 -13.24 6.21 -33.95
C PRO B 197 -12.09 5.32 -34.39
N GLN B 198 -11.09 5.24 -33.54
CA GLN B 198 -9.90 4.47 -33.82
C GLN B 198 -10.25 3.01 -33.84
N PRO B 199 -9.51 2.20 -34.61
CA PRO B 199 -9.74 0.76 -34.55
C PRO B 199 -9.27 0.24 -33.19
N SER B 200 -9.64 -1.00 -32.83
CA SER B 200 -9.19 -1.59 -31.57
C SER B 200 -7.68 -1.57 -31.59
N PHE B 201 -7.08 -1.34 -30.44
CA PHE B 201 -5.63 -1.33 -30.34
C PHE B 201 -5.10 -2.73 -30.57
N GLU B 202 -5.93 -3.72 -30.29
CA GLU B 202 -5.56 -5.11 -30.49
C GLU B 202 -5.53 -5.45 -31.97
N GLN B 203 -6.28 -4.70 -32.76
CA GLN B 203 -6.35 -4.91 -34.19
C GLN B 203 -5.13 -4.36 -34.91
N THR B 204 -4.54 -3.31 -34.34
CA THR B 204 -3.47 -2.55 -34.99
C THR B 204 -2.10 -2.70 -34.32
N ARG B 205 -2.08 -3.35 -33.16
CA ARG B 205 -0.86 -3.56 -32.40
C ARG B 205 0.30 -4.30 -33.11
N PRO B 206 0.01 -5.36 -33.90
CA PRO B 206 1.14 -6.05 -34.56
C PRO B 206 1.93 -5.17 -35.53
N ALA B 207 1.35 -4.05 -35.92
CA ALA B 207 2.00 -3.12 -36.84
C ALA B 207 3.09 -2.30 -36.16
N LEU B 208 3.15 -2.35 -34.83
CA LEU B 208 4.12 -1.59 -34.03
C LEU B 208 5.60 -2.00 -34.17
N PRO B 209 5.93 -3.32 -34.11
CA PRO B 209 7.32 -3.69 -34.37
C PRO B 209 7.82 -3.26 -35.77
N ALA B 210 6.95 -3.36 -36.76
CA ALA B 210 7.22 -2.97 -38.14
C ALA B 210 7.45 -1.47 -38.30
N LEU B 211 6.53 -0.66 -37.79
CA LEU B 211 6.60 0.80 -37.87
C LEU B 211 7.85 1.38 -37.22
N ALA B 212 8.26 0.80 -36.10
CA ALA B 212 9.48 1.23 -35.43
C ALA B 212 10.70 1.03 -36.29
N ARG B 213 10.70 -0.02 -37.12
CA ARG B 213 11.78 -0.27 -38.06
C ARG B 213 11.69 0.73 -39.22
N LEU B 214 10.46 0.97 -39.66
CA LEU B 214 10.20 1.83 -40.80
C LEU B 214 10.61 3.27 -40.56
N ILE B 215 10.55 3.73 -39.32
CA ILE B 215 10.93 5.14 -39.08
C ILE B 215 12.43 5.35 -39.14
N HIS B 216 13.18 4.25 -39.27
CA HIS B 216 14.62 4.33 -39.43
C HIS B 216 15.01 4.46 -40.90
N SER B 217 14.02 4.39 -41.78
CA SER B 217 14.21 4.64 -43.20
C SER B 217 14.59 6.12 -43.39
N ASN B 218 15.18 6.46 -44.54
CA ASN B 218 15.52 7.85 -44.89
C ASN B 218 14.65 8.44 -46.00
N ASP B 219 13.82 7.58 -46.61
CA ASP B 219 12.87 7.97 -47.65
C ASP B 219 11.79 8.87 -47.08
N GLU B 220 11.60 10.04 -47.68
CA GLU B 220 10.67 11.00 -47.12
C GLU B 220 9.23 10.49 -47.14
N GLU B 221 8.87 9.74 -48.17
CA GLU B 221 7.49 9.24 -48.28
C GLU B 221 7.21 8.16 -47.25
N VAL B 222 8.11 7.20 -47.12
CA VAL B 222 7.96 6.15 -46.12
C VAL B 222 7.87 6.74 -44.71
N LEU B 223 8.72 7.72 -44.44
CA LEU B 223 8.76 8.40 -43.16
C LEU B 223 7.45 9.11 -42.81
N THR B 224 6.82 9.76 -43.79
CA THR B 224 5.60 10.50 -43.51
C THR B 224 4.48 9.59 -43.00
N ASP B 225 4.14 8.58 -43.79
CA ASP B 225 3.04 7.66 -43.50
C ASP B 225 3.30 6.77 -42.28
N ALA B 226 4.58 6.50 -42.01
CA ALA B 226 4.97 5.76 -40.82
C ALA B 226 4.68 6.59 -39.57
N CYS B 227 5.04 7.87 -39.63
CA CYS B 227 4.85 8.82 -38.54
C CYS B 227 3.38 9.10 -38.29
N TRP B 228 2.61 9.19 -39.36
CA TRP B 228 1.16 9.27 -39.25
C TRP B 228 0.62 8.07 -38.48
N ALA B 229 1.04 6.87 -38.89
CA ALA B 229 0.60 5.64 -38.26
C ALA B 229 0.91 5.60 -36.77
N LEU B 230 2.09 6.07 -36.39
CA LEU B 230 2.44 6.18 -34.97
C LEU B 230 1.66 7.28 -34.26
N SER B 231 1.25 8.32 -34.99
CA SER B 231 0.48 9.41 -34.34
C SER B 231 -0.93 8.92 -34.03
N TYR B 232 -1.35 7.89 -34.75
CA TYR B 232 -2.67 7.29 -34.57
C TYR B 232 -2.67 6.31 -33.40
N LEU B 233 -1.57 5.58 -33.22
CA LEU B 233 -1.51 4.57 -32.18
C LEU B 233 -1.25 5.18 -30.82
N SER B 234 -0.56 6.31 -30.83
CA SER B 234 -0.20 7.07 -29.63
C SER B 234 -1.28 8.05 -29.17
N ASP B 235 -2.30 8.26 -29.99
CA ASP B 235 -3.45 9.05 -29.61
C ASP B 235 -4.38 8.17 -28.80
N GLY B 236 -4.47 8.41 -27.51
CA GLY B 236 -5.33 7.61 -26.66
C GLY B 236 -4.83 7.47 -25.24
N THR B 237 -5.13 6.33 -24.63
CA THR B 237 -4.82 6.12 -23.23
C THR B 237 -3.35 5.80 -22.99
N ASN B 238 -2.90 5.95 -21.75
CA ASN B 238 -1.48 5.76 -21.45
C ASN B 238 -0.98 4.35 -21.67
N ASP B 239 -1.88 3.40 -21.82
CA ASP B 239 -1.43 2.06 -22.08
C ASP B 239 -1.05 1.93 -23.57
N LYS B 240 -1.64 2.78 -24.41
CA LYS B 240 -1.28 2.84 -25.82
C LYS B 240 0.11 3.45 -25.98
N ILE B 241 0.38 4.51 -25.24
CA ILE B 241 1.67 5.17 -25.23
C ILE B 241 2.74 4.23 -24.66
N GLN B 242 2.38 3.43 -23.67
CA GLN B 242 3.31 2.44 -23.14
C GLN B 242 3.68 1.41 -24.20
N ALA B 243 2.71 0.97 -24.99
CA ALA B 243 3.00 0.00 -26.03
C ALA B 243 3.93 0.61 -27.06
N VAL B 244 3.68 1.88 -27.36
CA VAL B 244 4.39 2.58 -28.42
C VAL B 244 5.85 2.82 -28.02
N ILE B 245 6.11 3.24 -26.79
CA ILE B 245 7.48 3.54 -26.37
C ILE B 245 8.30 2.28 -26.13
N GLU B 246 7.61 1.20 -25.80
CA GLU B 246 8.24 -0.10 -25.59
C GLU B 246 8.70 -0.71 -26.91
N ALA B 247 8.22 -0.15 -28.02
CA ALA B 247 8.63 -0.62 -29.34
C ALA B 247 9.95 0.00 -29.74
N GLY B 248 10.40 0.98 -28.96
CA GLY B 248 11.72 1.60 -29.11
C GLY B 248 11.76 2.77 -30.06
N VAL B 249 10.64 3.47 -30.19
CA VAL B 249 10.49 4.50 -31.21
C VAL B 249 10.97 5.88 -30.81
N CYS B 250 11.07 6.16 -29.50
CA CYS B 250 11.35 7.52 -29.05
C CYS B 250 12.58 8.19 -29.65
N PRO B 251 13.75 7.53 -29.61
CA PRO B 251 14.95 8.22 -30.11
C PRO B 251 14.85 8.66 -31.57
N ARG B 252 14.26 7.79 -32.39
CA ARG B 252 14.16 8.04 -33.81
C ARG B 252 13.09 9.07 -34.09
N LEU B 253 12.02 9.06 -33.29
CA LEU B 253 10.99 10.07 -33.40
C LEU B 253 11.52 11.46 -33.11
N VAL B 254 12.39 11.55 -32.11
CA VAL B 254 12.97 12.83 -31.70
C VAL B 254 13.93 13.38 -32.76
N GLU B 255 14.68 12.50 -33.42
CA GLU B 255 15.59 12.84 -34.53
C GLU B 255 14.80 13.43 -35.68
N LEU B 256 13.55 13.00 -35.84
CA LEU B 256 12.68 13.44 -36.91
C LEU B 256 12.01 14.80 -36.64
N LEU B 257 12.15 15.32 -35.43
CA LEU B 257 11.68 16.67 -35.10
C LEU B 257 12.49 17.68 -35.87
N LEU B 258 13.70 17.28 -36.22
CA LEU B 258 14.59 18.14 -36.96
C LEU B 258 14.60 17.85 -38.46
N HIS B 259 13.70 16.98 -38.90
CA HIS B 259 13.64 16.67 -40.33
C HIS B 259 13.11 17.91 -41.02
N PRO B 260 13.75 18.29 -42.13
CA PRO B 260 13.46 19.53 -42.83
C PRO B 260 12.08 19.58 -43.47
N SER B 261 11.58 18.45 -43.97
CA SER B 261 10.30 18.45 -44.67
C SER B 261 9.15 18.48 -43.70
N PRO B 262 8.23 19.46 -43.86
CA PRO B 262 7.03 19.54 -43.02
C PRO B 262 6.15 18.31 -43.17
N SER B 263 6.30 17.57 -44.26
CA SER B 263 5.53 16.36 -44.45
C SER B 263 5.93 15.29 -43.46
N VAL B 264 7.20 15.32 -43.03
CA VAL B 264 7.71 14.38 -42.05
C VAL B 264 7.67 14.97 -40.65
N LEU B 265 8.06 16.24 -40.54
CA LEU B 265 8.10 16.98 -39.27
C LEU B 265 6.76 16.99 -38.54
N ILE B 266 5.67 17.18 -39.27
CA ILE B 266 4.34 17.29 -38.65
C ILE B 266 3.78 16.02 -37.97
N PRO B 267 3.75 14.88 -38.70
CA PRO B 267 3.32 13.69 -38.01
C PRO B 267 4.29 13.27 -36.93
N ALA B 268 5.58 13.54 -37.12
CA ALA B 268 6.55 13.23 -36.07
C ALA B 268 6.32 14.09 -34.83
N LEU B 269 6.05 15.37 -35.03
CA LEU B 269 5.72 16.28 -33.94
C LEU B 269 4.43 15.89 -33.22
N ARG B 270 3.40 15.49 -33.98
CA ARG B 270 2.16 14.92 -33.41
C ARG B 270 2.47 13.74 -32.53
N THR B 271 3.28 12.80 -33.04
CA THR B 271 3.61 11.59 -32.32
C THR B 271 4.37 11.87 -31.02
N VAL B 272 5.39 12.71 -31.09
CA VAL B 272 6.19 13.05 -29.91
C VAL B 272 5.32 13.78 -28.89
N GLY B 273 4.45 14.65 -29.37
CA GLY B 273 3.51 15.34 -28.52
C GLY B 273 2.54 14.43 -27.81
N ASN B 274 2.06 13.42 -28.50
CA ASN B 274 1.14 12.45 -27.93
C ASN B 274 1.77 11.65 -26.80
N ILE B 275 3.06 11.34 -26.93
CA ILE B 275 3.81 10.59 -25.91
C ILE B 275 3.95 11.35 -24.56
N VAL B 276 4.18 12.66 -24.64
CA VAL B 276 4.32 13.51 -23.44
C VAL B 276 3.00 13.91 -22.76
N THR B 277 1.88 13.42 -23.30
CA THR B 277 0.58 13.47 -22.61
C THR B 277 0.42 12.27 -21.64
N GLY B 278 1.35 11.33 -21.69
CA GLY B 278 1.32 10.18 -20.80
C GLY B 278 1.97 10.53 -19.48
N ASP B 279 2.22 9.55 -18.63
CA ASP B 279 2.75 9.86 -17.30
C ASP B 279 4.20 10.33 -17.31
N ASP B 280 4.74 10.55 -16.12
CA ASP B 280 6.08 11.07 -15.99
C ASP B 280 7.12 10.12 -16.57
N ALA B 281 6.96 8.83 -16.32
CA ALA B 281 7.92 7.85 -16.78
C ALA B 281 7.99 7.75 -18.31
N GLN B 282 6.83 7.81 -18.95
CA GLN B 282 6.72 7.76 -20.41
C GLN B 282 7.30 9.01 -21.07
N THR B 283 7.02 10.14 -20.46
CA THR B 283 7.49 11.45 -20.89
C THR B 283 9.01 11.53 -20.85
N GLN B 284 9.61 10.75 -19.96
CA GLN B 284 11.03 10.75 -19.79
C GLN B 284 11.73 10.15 -20.98
N CYS B 285 11.09 9.18 -21.62
CA CYS B 285 11.65 8.50 -22.78
C CYS B 285 11.95 9.46 -23.89
N ILE B 286 11.20 10.55 -23.89
CA ILE B 286 11.30 11.60 -24.88
C ILE B 286 12.32 12.64 -24.47
N ILE B 287 12.28 13.08 -23.22
CA ILE B 287 13.23 14.10 -22.73
C ILE B 287 14.63 13.55 -22.77
N ASP B 288 14.74 12.25 -22.50
CA ASP B 288 16.03 11.58 -22.42
C ASP B 288 16.83 11.67 -23.71
N HIS B 289 16.18 12.02 -24.83
CA HIS B 289 16.88 12.08 -26.09
C HIS B 289 16.97 13.49 -26.67
N GLN B 290 17.15 14.45 -25.77
CA GLN B 290 17.44 15.84 -26.09
C GLN B 290 16.37 16.43 -26.98
N ALA B 291 15.15 16.05 -26.70
CA ALA B 291 14.00 16.51 -27.43
C ALA B 291 13.71 17.97 -27.12
N LEU B 292 14.02 18.41 -25.90
CA LEU B 292 13.74 19.80 -25.52
C LEU B 292 14.56 20.83 -26.31
N PRO B 293 15.89 20.61 -26.46
CA PRO B 293 16.62 21.47 -27.41
C PRO B 293 16.08 21.42 -28.85
N CYS B 294 15.41 20.34 -29.23
CA CYS B 294 14.81 20.20 -30.56
C CYS B 294 13.50 20.93 -30.68
N LEU B 295 12.69 20.84 -29.64
CA LEU B 295 11.42 21.58 -29.58
C LEU B 295 11.63 23.07 -29.54
N LEU B 296 12.68 23.46 -28.83
CA LEU B 296 13.11 24.86 -28.78
C LEU B 296 13.54 25.36 -30.16
N SER B 297 14.30 24.60 -30.94
CA SER B 297 14.77 25.13 -32.22
C SER B 297 13.61 25.30 -33.21
N LEU B 298 12.49 24.63 -32.97
CA LEU B 298 11.31 24.77 -33.82
C LEU B 298 10.61 26.10 -33.56
N LEU B 299 10.78 26.63 -32.36
CA LEU B 299 10.15 27.88 -31.92
C LEU B 299 10.96 29.09 -32.36
N THR B 300 12.25 28.87 -32.64
CA THR B 300 13.16 29.95 -32.97
C THR B 300 13.19 30.21 -34.48
N GLN B 301 13.10 29.14 -35.25
CA GLN B 301 13.10 29.28 -36.70
C GLN B 301 11.74 29.66 -37.24
N ASN B 302 11.73 30.25 -38.43
CA ASN B 302 10.49 30.71 -39.03
C ASN B 302 9.68 29.55 -39.60
N LEU B 303 8.80 28.99 -38.77
CA LEU B 303 7.95 27.88 -39.18
C LEU B 303 6.49 28.29 -39.14
N LYS B 304 5.64 27.45 -39.71
CA LYS B 304 4.20 27.69 -39.78
C LYS B 304 3.66 27.87 -38.37
N LYS B 305 2.60 28.67 -38.24
CA LYS B 305 1.97 28.94 -36.95
C LYS B 305 1.48 27.69 -36.26
N SER B 306 0.89 26.78 -37.04
CA SER B 306 0.38 25.52 -36.54
C SER B 306 1.51 24.69 -35.98
N ILE B 307 2.68 24.78 -36.62
CA ILE B 307 3.83 24.02 -36.17
C ILE B 307 4.30 24.50 -34.80
N LYS B 308 4.50 25.79 -34.65
CA LYS B 308 4.92 26.36 -33.37
C LYS B 308 3.89 26.10 -32.29
N LYS B 309 2.62 26.16 -32.67
CA LYS B 309 1.51 25.93 -31.75
C LYS B 309 1.53 24.50 -31.20
N GLU B 310 1.88 23.55 -32.06
CA GLU B 310 2.02 22.17 -31.62
C GLU B 310 3.30 21.97 -30.78
N ALA B 311 4.35 22.72 -31.11
CA ALA B 311 5.60 22.65 -30.35
C ALA B 311 5.42 23.18 -28.94
N CYS B 312 4.59 24.21 -28.78
CA CYS B 312 4.31 24.78 -27.46
C CYS B 312 3.44 23.88 -26.64
N TRP B 313 2.47 23.26 -27.29
CA TRP B 313 1.58 22.32 -26.66
C TRP B 313 2.39 21.13 -26.15
N THR B 314 3.34 20.66 -26.96
CA THR B 314 4.21 19.56 -26.55
C THR B 314 4.99 19.95 -25.33
N ILE B 315 5.63 21.12 -25.38
CA ILE B 315 6.36 21.67 -24.25
C ILE B 315 5.47 21.76 -23.01
N SER B 316 4.22 22.18 -23.15
CA SER B 316 3.29 22.29 -22.00
C SER B 316 3.01 20.97 -21.31
N ASN B 317 2.99 19.86 -22.04
CA ASN B 317 2.73 18.59 -21.37
C ASN B 317 3.97 18.06 -20.67
N ILE B 318 5.08 18.73 -20.91
CA ILE B 318 6.34 18.42 -20.25
C ILE B 318 6.49 19.22 -18.96
N THR B 319 6.15 20.50 -18.99
CA THR B 319 6.08 21.28 -17.77
C THR B 319 4.90 20.82 -16.88
N ALA B 320 4.01 20.02 -17.48
CA ALA B 320 2.91 19.35 -16.77
C ALA B 320 3.35 18.16 -15.93
N GLY B 321 4.65 17.88 -15.95
CA GLY B 321 5.24 16.77 -15.24
C GLY B 321 5.90 17.19 -13.96
N ASN B 322 6.89 16.42 -13.51
CA ASN B 322 7.55 16.64 -12.23
C ASN B 322 8.58 17.77 -12.24
N LYS B 323 9.22 17.99 -11.10
CA LYS B 323 10.20 19.07 -10.94
C LYS B 323 11.50 18.88 -11.73
N ASP B 324 11.88 17.64 -12.02
CA ASP B 324 13.11 17.38 -12.77
C ASP B 324 12.92 17.60 -14.26
N GLN B 325 11.68 17.41 -14.68
CA GLN B 325 11.28 17.60 -16.05
C GLN B 325 11.12 19.06 -16.38
N ILE B 326 10.61 19.83 -15.42
CA ILE B 326 10.55 21.29 -15.52
C ILE B 326 11.95 21.91 -15.56
N GLN B 327 12.88 21.32 -14.82
CA GLN B 327 14.26 21.80 -14.79
C GLN B 327 14.95 21.59 -16.14
N ALA B 328 14.65 20.48 -16.80
CA ALA B 328 15.21 20.17 -18.10
C ALA B 328 14.76 21.19 -19.15
N VAL B 329 13.56 21.71 -18.95
CA VAL B 329 12.99 22.77 -19.77
C VAL B 329 13.70 24.10 -19.43
N ILE B 330 13.91 24.35 -18.15
CA ILE B 330 14.69 25.50 -17.77
C ILE B 330 16.12 25.34 -18.28
N ASN B 331 16.69 24.16 -18.08
CA ASN B 331 18.06 23.87 -18.49
C ASN B 331 18.27 24.05 -19.99
N ALA B 332 17.29 23.61 -20.78
CA ALA B 332 17.38 23.66 -22.23
C ALA B 332 17.33 25.07 -22.77
N GLY B 333 16.85 26.00 -21.96
CA GLY B 333 16.75 27.39 -22.36
C GLY B 333 15.43 27.68 -23.06
N ILE B 334 14.38 26.95 -22.71
CA ILE B 334 13.09 27.13 -23.36
C ILE B 334 12.31 28.33 -22.78
N ILE B 335 12.60 28.67 -21.53
CA ILE B 335 11.93 29.77 -20.86
C ILE B 335 12.05 31.07 -21.66
N GLY B 336 13.28 31.55 -21.82
CA GLY B 336 13.54 32.78 -22.54
C GLY B 336 12.55 33.01 -23.67
N PRO B 337 12.56 32.12 -24.65
CA PRO B 337 11.67 32.24 -25.81
C PRO B 337 10.20 32.02 -25.43
N LEU B 338 9.95 31.01 -24.58
CA LEU B 338 8.59 30.70 -24.16
C LEU B 338 7.85 31.95 -23.69
N VAL B 339 8.48 32.70 -22.79
CA VAL B 339 7.88 33.91 -22.25
C VAL B 339 7.61 34.93 -23.36
N ASN B 340 8.56 35.05 -24.28
CA ASN B 340 8.43 35.99 -25.40
C ASN B 340 7.19 35.71 -26.25
N LEU B 341 7.00 34.44 -26.60
CA LEU B 341 5.86 34.04 -27.41
C LEU B 341 4.54 34.33 -26.71
N LEU B 342 4.52 34.16 -25.39
CA LEU B 342 3.33 34.41 -24.60
C LEU B 342 3.01 35.89 -24.53
N GLN B 343 3.99 36.73 -24.83
CA GLN B 343 3.83 38.16 -24.80
C GLN B 343 3.42 38.78 -26.13
N THR B 344 4.10 38.36 -27.20
CA THR B 344 4.00 39.07 -28.47
C THR B 344 3.58 38.22 -29.67
N ALA B 345 3.34 36.93 -29.46
CA ALA B 345 3.02 36.02 -30.58
C ALA B 345 1.55 35.96 -30.96
N GLU B 346 1.27 35.25 -32.05
CA GLU B 346 -0.11 35.06 -32.49
C GLU B 346 -0.86 34.35 -31.38
N PHE B 347 -2.15 34.63 -31.26
CA PHE B 347 -2.94 34.14 -30.12
C PHE B 347 -2.99 32.62 -30.01
N ASP B 348 -2.89 31.92 -31.13
CA ASP B 348 -2.88 30.46 -31.11
C ASP B 348 -1.63 29.90 -30.45
N ILE B 349 -0.57 30.71 -30.44
CA ILE B 349 0.69 30.38 -29.76
C ILE B 349 0.74 30.92 -28.33
N LYS B 350 0.23 32.14 -28.11
CA LYS B 350 0.03 32.67 -26.76
C LYS B 350 -0.73 31.67 -25.90
N LYS B 351 -1.82 31.11 -26.43
CA LYS B 351 -2.65 30.10 -25.75
C LYS B 351 -1.87 28.91 -25.24
N GLU B 352 -0.99 28.38 -26.08
CA GLU B 352 -0.17 27.24 -25.72
C GLU B 352 1.00 27.62 -24.80
N ALA B 353 1.57 28.80 -25.04
CA ALA B 353 2.63 29.37 -24.19
C ALA B 353 2.16 29.64 -22.75
N ALA B 354 0.90 30.02 -22.58
CA ALA B 354 0.32 30.22 -21.25
C ALA B 354 0.16 28.92 -20.47
N TRP B 355 -0.36 27.89 -21.13
CA TRP B 355 -0.44 26.56 -20.54
C TRP B 355 0.95 26.03 -20.19
N ALA B 356 1.91 26.27 -21.08
CA ALA B 356 3.30 25.89 -20.84
C ALA B 356 3.87 26.53 -19.56
N ILE B 357 3.77 27.86 -19.47
CA ILE B 357 4.28 28.63 -18.34
C ILE B 357 3.57 28.26 -17.05
N SER B 358 2.24 28.24 -17.09
CA SER B 358 1.45 27.99 -15.90
C SER B 358 1.64 26.60 -15.33
N ASN B 359 1.83 25.60 -16.20
CA ASN B 359 2.13 24.24 -15.75
C ASN B 359 3.42 24.19 -14.98
N ALA B 360 4.34 25.04 -15.35
CA ALA B 360 5.58 25.13 -14.61
C ALA B 360 5.32 25.72 -13.23
N THR B 361 4.39 26.67 -13.14
CA THR B 361 4.02 27.30 -11.86
C THR B 361 3.19 26.36 -10.98
N SER B 362 2.56 25.39 -11.63
CA SER B 362 1.77 24.38 -10.95
C SER B 362 2.65 23.30 -10.31
N GLY B 363 3.60 22.78 -11.08
CA GLY B 363 4.41 21.67 -10.60
C GLY B 363 5.80 22.02 -10.12
N GLY B 364 6.22 23.26 -10.33
CA GLY B 364 7.57 23.67 -10.03
C GLY B 364 7.80 24.00 -8.58
N SER B 365 9.07 24.01 -8.19
CA SER B 365 9.45 24.40 -6.85
C SER B 365 9.51 25.93 -6.80
N HIS B 366 9.68 26.49 -5.61
CA HIS B 366 9.76 27.95 -5.43
C HIS B 366 10.86 28.57 -6.27
N ASP B 367 11.98 27.86 -6.39
CA ASP B 367 13.15 28.38 -7.09
C ASP B 367 12.88 28.42 -8.58
N GLN B 368 12.28 27.34 -9.05
CA GLN B 368 11.89 27.21 -10.43
C GLN B 368 10.90 28.28 -10.76
N ILE B 369 9.97 28.48 -9.84
CA ILE B 369 8.95 29.52 -9.98
C ILE B 369 9.59 30.90 -9.97
N LYS B 370 10.54 31.12 -9.05
CA LYS B 370 11.25 32.40 -9.00
C LYS B 370 12.06 32.67 -10.27
N TYR B 371 12.49 31.59 -10.94
CA TYR B 371 13.23 31.71 -12.19
C TYR B 371 12.31 32.13 -13.34
N LEU B 372 11.06 31.67 -13.31
CA LEU B 372 10.09 32.04 -14.33
C LEU B 372 9.82 33.53 -14.28
N VAL B 373 9.78 34.07 -13.07
CA VAL B 373 9.49 35.48 -12.86
C VAL B 373 10.65 36.38 -13.28
N SER B 374 11.86 35.99 -12.96
CA SER B 374 13.04 36.75 -13.36
C SER B 374 13.17 36.82 -14.89
N GLU B 375 12.67 35.81 -15.58
CA GLU B 375 12.61 35.83 -17.04
C GLU B 375 11.44 36.67 -17.56
N GLY B 376 10.64 37.20 -16.63
CA GLY B 376 9.59 38.17 -16.89
C GLY B 376 8.22 37.63 -17.32
N CYS B 377 7.77 36.55 -16.70
CA CYS B 377 6.56 35.90 -17.20
C CYS B 377 5.30 36.54 -16.67
N ILE B 378 5.43 37.35 -15.63
CA ILE B 378 4.27 37.94 -14.97
C ILE B 378 3.43 38.82 -15.89
N LYS B 379 4.04 39.79 -16.54
CA LYS B 379 3.32 40.68 -17.46
C LYS B 379 2.55 40.00 -18.60
N PRO B 380 3.20 39.08 -19.36
CA PRO B 380 2.42 38.36 -20.37
C PRO B 380 1.20 37.55 -19.85
N LEU B 381 1.26 37.08 -18.61
CA LEU B 381 0.17 36.36 -17.97
C LEU B 381 -1.02 37.26 -17.60
N CYS B 382 -0.72 38.44 -17.06
CA CYS B 382 -1.73 39.44 -16.69
C CYS B 382 -2.43 39.99 -17.91
N ASP B 383 -1.67 40.21 -18.96
CA ASP B 383 -2.18 40.76 -20.20
C ASP B 383 -3.21 39.85 -20.87
N LEU B 384 -3.17 38.56 -20.54
CA LEU B 384 -4.07 37.57 -21.11
C LEU B 384 -5.33 37.40 -20.27
N LEU B 385 -5.43 38.16 -19.19
CA LEU B 385 -6.59 38.09 -18.31
C LEU B 385 -7.81 38.76 -18.95
N ILE B 386 -7.59 39.43 -20.06
CA ILE B 386 -8.66 40.11 -20.77
C ILE B 386 -8.96 39.44 -22.11
N CYS B 387 -8.48 38.21 -22.27
CA CYS B 387 -8.70 37.45 -23.49
C CYS B 387 -10.08 36.81 -23.51
N PRO B 388 -10.72 36.83 -24.68
CA PRO B 388 -12.06 36.26 -24.84
C PRO B 388 -12.16 34.86 -24.27
N ASP B 389 -11.11 34.07 -24.44
CA ASP B 389 -11.08 32.69 -23.95
C ASP B 389 -11.14 32.65 -22.42
N ILE B 390 -12.20 32.05 -21.89
CA ILE B 390 -12.37 31.94 -20.44
C ILE B 390 -11.40 30.93 -19.84
N ARG B 391 -11.20 29.82 -20.56
CA ARG B 391 -10.29 28.78 -20.10
C ARG B 391 -8.88 29.35 -19.95
N ILE B 392 -8.47 30.14 -20.94
CA ILE B 392 -7.16 30.79 -20.92
C ILE B 392 -7.07 31.81 -19.79
N VAL B 393 -8.14 32.57 -19.55
CA VAL B 393 -8.16 33.48 -18.41
C VAL B 393 -7.94 32.72 -17.09
N THR B 394 -8.51 31.51 -16.99
CA THR B 394 -8.44 30.71 -15.76
C THR B 394 -7.04 30.09 -15.55
N VAL B 395 -6.35 29.81 -16.66
CA VAL B 395 -5.01 29.22 -16.67
C VAL B 395 -3.96 30.22 -16.21
N CYS B 396 -4.11 31.46 -16.66
CA CYS B 396 -3.23 32.54 -16.26
C CYS B 396 -3.46 32.95 -14.81
N LEU B 397 -4.72 32.99 -14.42
CA LEU B 397 -5.09 33.36 -13.07
C LEU B 397 -4.55 32.35 -12.04
N GLU B 398 -4.60 31.07 -12.36
CA GLU B 398 -4.11 30.02 -11.48
C GLU B 398 -2.58 30.01 -11.40
N GLY B 399 -1.92 30.34 -12.51
CA GLY B 399 -0.47 30.48 -12.58
C GLY B 399 0.08 31.68 -11.80
N LEU B 400 -0.57 32.83 -11.94
CA LEU B 400 -0.24 34.01 -11.14
C LEU B 400 -0.46 33.77 -9.64
N GLU B 401 -1.46 32.97 -9.32
CA GLU B 401 -1.78 32.57 -7.94
C GLU B 401 -0.71 31.65 -7.37
N ASN B 402 -0.17 30.76 -8.20
CA ASN B 402 0.94 29.92 -7.77
C ASN B 402 2.20 30.75 -7.58
N ILE B 403 2.31 31.81 -8.36
CA ILE B 403 3.40 32.79 -8.22
C ILE B 403 3.24 33.60 -6.95
N LEU B 404 2.03 34.05 -6.65
CA LEU B 404 1.81 34.85 -5.45
C LEU B 404 2.11 34.09 -4.17
N LYS B 405 1.76 32.80 -4.14
CA LYS B 405 1.99 31.95 -2.98
C LYS B 405 3.48 31.84 -2.68
N VAL B 406 4.29 31.85 -3.73
CA VAL B 406 5.74 31.80 -3.60
C VAL B 406 6.26 33.11 -3.07
N GLY B 407 5.70 34.20 -3.56
CA GLY B 407 6.03 35.52 -3.07
C GLY B 407 5.59 35.73 -1.64
N GLU B 408 4.55 35.00 -1.23
CA GLU B 408 4.03 35.03 0.14
C GLU B 408 4.93 34.26 1.10
N THR B 409 5.53 33.17 0.61
CA THR B 409 6.48 32.36 1.37
C THR B 409 7.79 33.13 1.59
N ASP B 410 8.16 33.98 0.65
CA ASP B 410 9.30 34.88 0.83
C ASP B 410 9.00 35.97 1.87
N LYS B 411 7.73 36.39 1.94
CA LYS B 411 7.29 37.44 2.85
C LYS B 411 7.35 37.02 4.31
N THR B 412 7.13 35.73 4.57
CA THR B 412 7.19 35.22 5.92
C THR B 412 8.64 34.93 6.33
N LEU B 413 9.35 34.26 5.44
CA LEU B 413 10.72 33.82 5.67
C LEU B 413 11.71 34.98 5.81
N ALA B 414 11.40 36.11 5.16
CA ALA B 414 12.27 37.28 5.25
C ALA B 414 11.76 38.28 6.28
N ALA B 415 10.59 37.98 6.84
CA ALA B 415 9.90 38.90 7.74
C ALA B 415 9.76 40.29 7.09
N GLY B 416 9.54 40.30 5.78
CA GLY B 416 9.51 41.52 5.00
C GLY B 416 8.19 42.24 5.06
N ASP B 417 8.14 43.40 4.43
CA ASP B 417 6.94 44.24 4.44
C ASP B 417 5.99 43.91 3.27
N VAL B 418 6.55 43.57 2.10
CA VAL B 418 5.73 43.42 0.91
C VAL B 418 5.96 42.11 0.17
N ASN B 419 4.85 41.50 -0.27
CA ASN B 419 4.94 40.41 -1.23
C ASN B 419 5.43 41.06 -2.51
N VAL B 420 6.64 40.72 -2.92
CA VAL B 420 7.27 41.35 -4.07
C VAL B 420 6.47 41.11 -5.34
N PHE B 421 5.95 39.89 -5.45
CA PHE B 421 5.24 39.42 -6.64
C PHE B 421 3.89 40.10 -6.78
N SER B 422 3.30 40.48 -5.64
CA SER B 422 2.07 41.26 -5.60
C SER B 422 2.34 42.65 -6.11
N GLN B 423 3.56 43.11 -5.84
CA GLN B 423 4.03 44.40 -6.29
C GLN B 423 4.30 44.40 -7.79
N MET B 424 4.85 43.27 -8.26
CA MET B 424 5.16 43.07 -9.68
C MET B 424 3.91 42.98 -10.55
N ILE B 425 2.92 42.25 -10.05
CA ILE B 425 1.61 42.08 -10.70
C ILE B 425 0.87 43.41 -10.83
N ASP B 426 0.93 44.22 -9.78
CA ASP B 426 0.33 45.54 -9.80
C ASP B 426 1.01 46.45 -10.82
N GLU B 427 2.33 46.39 -10.84
CA GLU B 427 3.12 47.22 -11.74
C GLU B 427 2.89 46.88 -13.22
N ALA B 428 2.58 45.62 -13.51
CA ALA B 428 2.34 45.19 -14.90
C ALA B 428 0.93 45.52 -15.36
N GLU B 429 0.22 46.30 -14.53
CA GLU B 429 -1.18 46.71 -14.75
C GLU B 429 -2.12 45.53 -14.71
N GLY B 430 -1.78 44.54 -13.90
CA GLY B 430 -2.57 43.33 -13.81
C GLY B 430 -3.59 43.25 -12.71
N LEU B 431 -3.31 43.89 -11.57
CA LEU B 431 -4.22 43.88 -10.43
C LEU B 431 -5.57 44.48 -10.78
N GLU B 432 -5.56 45.55 -11.56
CA GLU B 432 -6.78 46.21 -11.99
C GLU B 432 -7.57 45.27 -12.90
N LYS B 433 -6.86 44.44 -13.66
CA LYS B 433 -7.48 43.42 -14.52
C LYS B 433 -8.13 42.33 -13.68
N ILE B 434 -7.42 41.92 -12.65
CA ILE B 434 -7.92 40.96 -11.68
C ILE B 434 -9.08 41.55 -10.94
N GLU B 435 -8.98 42.83 -10.58
CA GLU B 435 -10.10 43.54 -9.93
C GLU B 435 -11.40 43.50 -10.75
N ASN B 436 -11.28 43.74 -12.07
CA ASN B 436 -12.42 43.77 -13.00
C ASN B 436 -13.04 42.41 -13.34
N LEU B 437 -12.38 41.31 -12.95
CA LEU B 437 -12.87 39.97 -13.25
C LEU B 437 -13.97 39.59 -12.25
N GLN B 438 -14.22 40.50 -11.31
CA GLN B 438 -15.34 40.39 -10.37
C GLN B 438 -16.66 40.80 -11.04
N SER B 439 -16.62 41.13 -12.32
CA SER B 439 -17.80 41.51 -13.07
C SER B 439 -18.13 40.43 -14.10
N HIS B 440 -17.30 39.38 -14.13
CA HIS B 440 -17.42 38.35 -15.13
C HIS B 440 -18.66 37.48 -14.95
N ASP B 441 -19.18 36.97 -16.07
CA ASP B 441 -20.34 36.08 -16.06
C ASP B 441 -19.93 34.66 -15.67
N ASN B 442 -18.64 34.37 -15.78
CA ASN B 442 -18.11 33.04 -15.52
C ASN B 442 -17.85 32.82 -14.05
N ASN B 443 -18.29 31.67 -13.55
CA ASN B 443 -18.13 31.36 -12.12
C ASN B 443 -16.72 31.01 -11.68
N GLU B 444 -15.95 30.36 -12.55
CA GLU B 444 -14.57 30.00 -12.23
C GLU B 444 -13.73 31.25 -12.03
N ILE B 445 -13.80 32.14 -13.03
CA ILE B 445 -13.00 33.35 -13.02
C ILE B 445 -13.36 34.28 -11.88
N TYR B 446 -14.65 34.52 -11.68
CA TYR B 446 -15.11 35.36 -10.57
C TYR B 446 -14.61 34.90 -9.21
N GLU B 447 -14.93 33.66 -8.86
CA GLU B 447 -14.60 33.15 -7.53
C GLU B 447 -13.10 33.14 -7.31
N LYS B 448 -12.32 32.95 -8.38
CA LYS B 448 -10.86 32.92 -8.28
C LYS B 448 -10.26 34.32 -8.13
N ALA B 449 -10.85 35.30 -8.81
CA ALA B 449 -10.40 36.70 -8.69
C ALA B 449 -10.65 37.22 -7.29
N VAL B 450 -11.82 36.91 -6.76
CA VAL B 450 -12.20 37.28 -5.40
C VAL B 450 -11.25 36.65 -4.36
N LYS B 451 -11.06 35.34 -4.49
CA LYS B 451 -10.12 34.55 -3.69
C LYS B 451 -8.70 35.13 -3.71
N ILE B 452 -8.22 35.43 -4.90
CA ILE B 452 -6.88 36.00 -5.08
C ILE B 452 -6.76 37.41 -4.47
N LEU B 453 -7.78 38.23 -4.71
CA LEU B 453 -7.78 39.60 -4.22
C LEU B 453 -7.71 39.67 -2.71
N GLU B 454 -8.38 38.73 -2.05
CA GLU B 454 -8.46 38.74 -0.58
C GLU B 454 -7.18 38.34 0.13
N ALA B 455 -6.38 37.51 -0.52
CA ALA B 455 -5.21 36.93 0.13
C ALA B 455 -3.94 37.78 0.01
N TYR B 456 -3.89 38.67 -0.97
CA TYR B 456 -2.67 39.43 -1.22
C TYR B 456 -2.90 40.92 -1.37
N TRP B 457 -4.16 41.30 -1.45
CA TRP B 457 -4.53 42.69 -1.59
C TRP B 457 -5.71 43.02 -0.67
N MET B 458 -5.55 42.71 0.61
CA MET B 458 -6.61 42.94 1.59
C MET B 458 -6.49 44.31 2.25
N THR C 4 -1.90 10.42 22.50
CA THR C 4 -0.46 10.23 22.61
C THR C 4 -0.11 9.64 23.99
N VAL C 5 -0.95 9.89 24.98
CA VAL C 5 -0.75 9.34 26.30
C VAL C 5 -1.59 8.06 26.45
N LEU C 6 -2.75 8.06 25.80
CA LEU C 6 -3.74 6.99 25.95
C LEU C 6 -3.49 5.88 24.94
N GLY C 7 -3.72 4.63 25.33
CA GLY C 7 -3.58 3.51 24.42
C GLY C 7 -3.42 2.19 25.13
N LYS C 8 -2.78 1.23 24.49
CA LYS C 8 -2.51 -0.06 25.13
C LYS C 8 -1.27 -0.05 26.02
N ARG C 9 -1.32 -0.83 27.09
CA ARG C 9 -0.25 -0.91 28.10
C ARG C 9 0.15 -2.34 28.37
N LYS C 10 1.43 -2.63 28.22
CA LYS C 10 1.96 -3.92 28.61
C LYS C 10 2.10 -4.02 30.13
N THR D 4 -5.99 22.79 -10.27
CA THR D 4 -7.31 22.22 -10.52
C THR D 4 -7.73 22.50 -11.96
N VAL D 5 -7.21 23.57 -12.54
CA VAL D 5 -7.47 23.87 -13.94
C VAL D 5 -6.29 23.37 -14.79
N LEU D 6 -5.10 23.38 -14.18
CA LEU D 6 -3.82 23.11 -14.82
C LEU D 6 -3.38 21.64 -14.75
N GLY D 7 -2.71 21.14 -15.80
CA GLY D 7 -2.18 19.78 -15.83
C GLY D 7 -1.82 19.26 -17.22
N LYS D 8 -1.87 17.94 -17.43
CA LYS D 8 -1.66 17.39 -18.77
C LYS D 8 -2.93 17.41 -19.63
N ARG D 9 -2.75 17.59 -20.94
CA ARG D 9 -3.84 17.68 -21.89
C ARG D 9 -3.67 16.70 -23.05
N LYS D 10 -4.67 15.86 -23.27
CA LYS D 10 -4.72 15.00 -24.45
C LYS D 10 -5.11 15.82 -25.67
#